data_1GK7
# 
_entry.id   1GK7 
# 
_audit_conform.dict_name       mmcif_pdbx.dic 
_audit_conform.dict_version    5.382 
_audit_conform.dict_location   http://mmcif.pdb.org/dictionaries/ascii/mmcif_pdbx.dic 
# 
loop_
_database_2.database_id 
_database_2.database_code 
_database_2.pdbx_database_accession 
_database_2.pdbx_DOI 
PDB   1GK7         pdb_00001gk7 10.2210/pdb1gk7/pdb 
PDBE  EBI-8447     ?            ?                   
WWPDB D_1290008447 ?            ?                   
# 
loop_
_pdbx_database_related.db_name 
_pdbx_database_related.db_id 
_pdbx_database_related.content_type 
_pdbx_database_related.details 
PDB 1GK4 unspecified 'HUMAN VIMENTIN COIL 2B FRAGMENT (CYS2)'                              
PDB 1GK6 unspecified 'HUMAN VIMENTIN COIL 2B FRAGMENT LINKED TO GCN4 LEUCINE ZIPPER (Z2B)' 
# 
_pdbx_database_status.status_code                     REL 
_pdbx_database_status.entry_id                        1GK7 
_pdbx_database_status.deposit_site                    PDBE 
_pdbx_database_status.process_site                    PDBE 
_pdbx_database_status.SG_entry                        . 
_pdbx_database_status.recvd_initial_deposition_date   2001-08-08 
_pdbx_database_status.pdb_format_compatible           Y 
_pdbx_database_status.status_code_sf                  REL 
_pdbx_database_status.status_code_mr                  ? 
_pdbx_database_status.status_code_cs                  ? 
_pdbx_database_status.methods_development_category    ? 
_pdbx_database_status.status_code_nmr_data            ? 
# 
loop_
_audit_author.name 
_audit_author.pdbx_ordinal 
'Strelkov, S.V.' 1 
'Herrmann, H.'   2 
'Geisler, N.'    3 
'Zimbelmann, R.' 4 
'Aebi, U.'       5 
'Burkhard, P.'   6 
# 
loop_
_citation.id 
_citation.title 
_citation.journal_abbrev 
_citation.journal_volume 
_citation.page_first 
_citation.page_last 
_citation.year 
_citation.journal_id_ASTM 
_citation.country 
_citation.journal_id_ISSN 
_citation.journal_id_CSD 
_citation.book_publisher 
_citation.pdbx_database_id_PubMed 
_citation.pdbx_database_id_DOI 
primary 'Conserved Segments 1A and 2B of the Intermediate Filament Dimer: Their Atomic Structures and Role in Filament Assembly.' 
'Embo J.'   21  1255 ? 2002 EMJODG UK 0261-4189 0897 ? 11889032 10.1093/EMBOJ/21.6.1255 
1       'Divide-and-Conquer Crystallographic Approach Towards an Atomic Structure of Intermediate Filaments'                      
J.Mol.Biol. 306 773  ? 2001 JMOBAK UK 0022-2836 0070 ? 11243787 10.1006/JMBI.2001.4442  
# 
loop_
_citation_author.citation_id 
_citation_author.name 
_citation_author.ordinal 
_citation_author.identifier_ORCID 
primary 'Strelkov, S.'   1  ? 
primary 'Herrmann, H.'   2  ? 
primary 'Geisler, N.'    3  ? 
primary 'Wedig, T.'      4  ? 
primary 'Zimbelmann, R.' 5  ? 
primary 'Aebi, U.'       6  ? 
primary 'Burkhard, P.'   7  ? 
1       'Strelkov, S.V.' 8  ? 
1       'Herrmann, H.'   9  ? 
1       'Geisler, N.'    10 ? 
1       'Lustig, A.'     11 ? 
1       'Ivaninskii, S.' 12 ? 
1       'Zimbelmann, R.' 13 ? 
1       'Burkhard, P.'   14 ? 
1       'Aebi, U.'       15 ? 
# 
_cell.entry_id           1GK7 
_cell.length_a           56.770 
_cell.length_b           56.770 
_cell.length_c           58.420 
_cell.angle_alpha        90.00 
_cell.angle_beta         90.00 
_cell.angle_gamma        120.00 
_cell.Z_PDB              12 
_cell.pdbx_unique_axis   ? 
# 
_symmetry.entry_id                         1GK7 
_symmetry.space_group_name_H-M             'P 62 2 2' 
_symmetry.pdbx_full_space_group_name_H-M   ? 
_symmetry.cell_setting                     ? 
_symmetry.Int_Tables_number                180 
# 
loop_
_entity.id 
_entity.type 
_entity.src_method 
_entity.pdbx_description 
_entity.formula_weight 
_entity.pdbx_number_of_molecules 
_entity.pdbx_ec 
_entity.pdbx_mutation 
_entity.pdbx_fragment 
_entity.details 
1 polymer     man VIMENTIN      4654.214 1  ? ? '1A, RESIDUES 102-138' 
'TWO EXTRA RESIDUES, GS, AT THE N-TERMINUS ARE RESULT OF THE CLONING PROCEDURE' 
2 non-polymer syn 'SULFATE ION' 96.063   1  ? ? ?                      ? 
3 water       nat water         18.015   35 ? ? ?                      ? 
# 
_entity_poly.entity_id                      1 
_entity_poly.type                           'polypeptide(L)' 
_entity_poly.nstd_linkage                   no 
_entity_poly.nstd_monomer                   no 
_entity_poly.pdbx_seq_one_letter_code       GSNEKVELQELNDRFANYIDKVRFLEQQNKILLAELEQL 
_entity_poly.pdbx_seq_one_letter_code_can   GSNEKVELQELNDRFANYIDKVRFLEQQNKILLAELEQL 
_entity_poly.pdbx_strand_id                 A 
_entity_poly.pdbx_target_identifier         ? 
# 
loop_
_entity_poly_seq.entity_id 
_entity_poly_seq.num 
_entity_poly_seq.mon_id 
_entity_poly_seq.hetero 
1 1  GLY n 
1 2  SER n 
1 3  ASN n 
1 4  GLU n 
1 5  LYS n 
1 6  VAL n 
1 7  GLU n 
1 8  LEU n 
1 9  GLN n 
1 10 GLU n 
1 11 LEU n 
1 12 ASN n 
1 13 ASP n 
1 14 ARG n 
1 15 PHE n 
1 16 ALA n 
1 17 ASN n 
1 18 TYR n 
1 19 ILE n 
1 20 ASP n 
1 21 LYS n 
1 22 VAL n 
1 23 ARG n 
1 24 PHE n 
1 25 LEU n 
1 26 GLU n 
1 27 GLN n 
1 28 GLN n 
1 29 ASN n 
1 30 LYS n 
1 31 ILE n 
1 32 LEU n 
1 33 LEU n 
1 34 ALA n 
1 35 GLU n 
1 36 LEU n 
1 37 GLU n 
1 38 GLN n 
1 39 LEU n 
# 
_entity_src_gen.entity_id                          1 
_entity_src_gen.pdbx_src_id                        1 
_entity_src_gen.pdbx_alt_source_flag               sample 
_entity_src_gen.pdbx_seq_type                      ? 
_entity_src_gen.pdbx_beg_seq_num                   ? 
_entity_src_gen.pdbx_end_seq_num                   ? 
_entity_src_gen.gene_src_common_name               HUMAN 
_entity_src_gen.gene_src_genus                     ? 
_entity_src_gen.pdbx_gene_src_gene                 ? 
_entity_src_gen.gene_src_species                   ? 
_entity_src_gen.gene_src_strain                    ? 
_entity_src_gen.gene_src_tissue                    ? 
_entity_src_gen.gene_src_tissue_fraction           ? 
_entity_src_gen.gene_src_details                   ? 
_entity_src_gen.pdbx_gene_src_fragment             ? 
_entity_src_gen.pdbx_gene_src_scientific_name      'HOMO SAPIENS' 
_entity_src_gen.pdbx_gene_src_ncbi_taxonomy_id     9606 
_entity_src_gen.pdbx_gene_src_variant              ? 
_entity_src_gen.pdbx_gene_src_cell_line            ? 
_entity_src_gen.pdbx_gene_src_atcc                 ? 
_entity_src_gen.pdbx_gene_src_organ                ? 
_entity_src_gen.pdbx_gene_src_organelle            ? 
_entity_src_gen.pdbx_gene_src_cell                 ? 
_entity_src_gen.pdbx_gene_src_cellular_location    ? 
_entity_src_gen.host_org_common_name               ? 
_entity_src_gen.pdbx_host_org_scientific_name      'ESCHERICHIA COLI' 
_entity_src_gen.pdbx_host_org_ncbi_taxonomy_id     469008 
_entity_src_gen.host_org_genus                     ? 
_entity_src_gen.pdbx_host_org_gene                 ? 
_entity_src_gen.pdbx_host_org_organ                ? 
_entity_src_gen.host_org_species                   ? 
_entity_src_gen.pdbx_host_org_tissue               ? 
_entity_src_gen.pdbx_host_org_tissue_fraction      ? 
_entity_src_gen.pdbx_host_org_strain               'BL21(DE3)' 
_entity_src_gen.pdbx_host_org_variant              ? 
_entity_src_gen.pdbx_host_org_cell_line            ? 
_entity_src_gen.pdbx_host_org_atcc                 ? 
_entity_src_gen.pdbx_host_org_culture_collection   ? 
_entity_src_gen.pdbx_host_org_cell                 ? 
_entity_src_gen.pdbx_host_org_organelle            ? 
_entity_src_gen.pdbx_host_org_cellular_location    ? 
_entity_src_gen.pdbx_host_org_vector_type          ? 
_entity_src_gen.pdbx_host_org_vector               ? 
_entity_src_gen.host_org_details                   ? 
_entity_src_gen.expression_system_id               ? 
_entity_src_gen.plasmid_name                       ? 
_entity_src_gen.plasmid_details                    ? 
_entity_src_gen.pdbx_description                   ? 
# 
loop_
_struct_ref.id 
_struct_ref.db_name 
_struct_ref.db_code 
_struct_ref.entity_id 
_struct_ref.pdbx_seq_one_letter_code 
_struct_ref.pdbx_align_begin 
_struct_ref.pdbx_db_accession 
_struct_ref.pdbx_db_isoform 
1 PDB 1GK7       1 ? ? 1GK7   ? 
2 UNP VIME_HUMAN 1 ? ? P08670 ? 
# 
loop_
_struct_ref_seq.align_id 
_struct_ref_seq.ref_id 
_struct_ref_seq.pdbx_PDB_id_code 
_struct_ref_seq.pdbx_strand_id 
_struct_ref_seq.seq_align_beg 
_struct_ref_seq.pdbx_seq_align_beg_ins_code 
_struct_ref_seq.seq_align_end 
_struct_ref_seq.pdbx_seq_align_end_ins_code 
_struct_ref_seq.pdbx_db_accession 
_struct_ref_seq.db_align_beg 
_struct_ref_seq.pdbx_db_align_beg_ins_code 
_struct_ref_seq.db_align_end 
_struct_ref_seq.pdbx_db_align_end_ins_code 
_struct_ref_seq.pdbx_auth_seq_align_beg 
_struct_ref_seq.pdbx_auth_seq_align_end 
1 1 1GK7 A 1 ? 2  ? 1GK7   100 ? 101 ? 100 101 
2 2 1GK7 A 3 ? 39 ? P08670 101 ? 137 ? 102 138 
# 
loop_
_chem_comp.id 
_chem_comp.type 
_chem_comp.mon_nstd_flag 
_chem_comp.name 
_chem_comp.pdbx_synonyms 
_chem_comp.formula 
_chem_comp.formula_weight 
ALA 'L-peptide linking' y ALANINE         ? 'C3 H7 N O2'     89.093  
ARG 'L-peptide linking' y ARGININE        ? 'C6 H15 N4 O2 1' 175.209 
ASN 'L-peptide linking' y ASPARAGINE      ? 'C4 H8 N2 O3'    132.118 
ASP 'L-peptide linking' y 'ASPARTIC ACID' ? 'C4 H7 N O4'     133.103 
GLN 'L-peptide linking' y GLUTAMINE       ? 'C5 H10 N2 O3'   146.144 
GLU 'L-peptide linking' y 'GLUTAMIC ACID' ? 'C5 H9 N O4'     147.129 
GLY 'peptide linking'   y GLYCINE         ? 'C2 H5 N O2'     75.067  
HOH non-polymer         . WATER           ? 'H2 O'           18.015  
ILE 'L-peptide linking' y ISOLEUCINE      ? 'C6 H13 N O2'    131.173 
LEU 'L-peptide linking' y LEUCINE         ? 'C6 H13 N O2'    131.173 
LYS 'L-peptide linking' y LYSINE          ? 'C6 H15 N2 O2 1' 147.195 
PHE 'L-peptide linking' y PHENYLALANINE   ? 'C9 H11 N O2'    165.189 
SER 'L-peptide linking' y SERINE          ? 'C3 H7 N O3'     105.093 
SO4 non-polymer         . 'SULFATE ION'   ? 'O4 S -2'        96.063  
TYR 'L-peptide linking' y TYROSINE        ? 'C9 H11 N O3'    181.189 
VAL 'L-peptide linking' y VALINE          ? 'C5 H11 N O2'    117.146 
# 
_exptl.entry_id          1GK7 
_exptl.method            'X-RAY DIFFRACTION' 
_exptl.crystals_number   1 
# 
_exptl_crystal.id                    1 
_exptl_crystal.density_meas          ? 
_exptl_crystal.density_Matthews      2.9 
_exptl_crystal.density_percent_sol   59 
_exptl_crystal.description           'THE SEARCH MODEL WAS A SINGLE CHAIN' 
# 
_exptl_crystal_grow.crystal_id      1 
_exptl_crystal_grow.method          ? 
_exptl_crystal_grow.temp            ? 
_exptl_crystal_grow.temp_details    ? 
_exptl_crystal_grow.pH              6.50 
_exptl_crystal_grow.pdbx_pH_range   ? 
_exptl_crystal_grow.pdbx_details    '2.0M AMMONIUM ACETATE, 10%(V/V) DIOXANE, 0.1M MES/NA, PH6.5, pH 6.50' 
# 
_diffrn.id                     1 
_diffrn.ambient_temp           100.0 
_diffrn.ambient_temp_details   ? 
_diffrn.crystal_id             1 
# 
_diffrn_detector.diffrn_id              1 
_diffrn_detector.detector               'IMAGE PLATE' 
_diffrn_detector.type                   ? 
_diffrn_detector.pdbx_collection_date   1999-04-15 
_diffrn_detector.details                MIRRORS 
# 
_diffrn_radiation.diffrn_id                        1 
_diffrn_radiation.wavelength_id                    1 
_diffrn_radiation.pdbx_monochromatic_or_laue_m_l   M 
_diffrn_radiation.monochromator                    ? 
_diffrn_radiation.pdbx_diffrn_protocol             'SINGLE WAVELENGTH' 
_diffrn_radiation.pdbx_scattering_type             x-ray 
# 
_diffrn_radiation_wavelength.id           1 
_diffrn_radiation_wavelength.wavelength   0.9 
_diffrn_radiation_wavelength.wt           1.0 
# 
_diffrn_source.diffrn_id                   1 
_diffrn_source.source                      SYNCHROTRON 
_diffrn_source.type                        'EMBL/DESY, HAMBURG BEAMLINE X11' 
_diffrn_source.pdbx_synchrotron_site       'EMBL/DESY, HAMBURG' 
_diffrn_source.pdbx_synchrotron_beamline   X11 
_diffrn_source.pdbx_wavelength             0.9 
_diffrn_source.pdbx_wavelength_list        ? 
# 
_reflns.pdbx_diffrn_id               1 
_reflns.pdbx_ordinal                 1 
_reflns.entry_id                     1GK7 
_reflns.observed_criterion_sigma_I   ? 
_reflns.observed_criterion_sigma_F   ? 
_reflns.d_resolution_low             50.000 
_reflns.d_resolution_high            1.400 
_reflns.number_obs                   11440 
_reflns.number_all                   ? 
_reflns.percent_possible_obs         99.7 
_reflns.pdbx_Rmerge_I_obs            0.03700 
_reflns.pdbx_Rsym_value              ? 
_reflns.pdbx_netI_over_sigmaI        17.0000 
_reflns.B_iso_Wilson_estimate        ? 
_reflns.pdbx_redundancy              10.300 
# 
_reflns_shell.pdbx_diffrn_id         1 
_reflns_shell.pdbx_ordinal           1 
_reflns_shell.d_res_high             1.40 
_reflns_shell.d_res_low              1.45 
_reflns_shell.percent_possible_all   99.6 
_reflns_shell.Rmerge_I_obs           0.56000 
_reflns_shell.pdbx_Rsym_value        ? 
_reflns_shell.meanI_over_sigI_obs    1.900 
_reflns_shell.pdbx_redundancy        5.50 
# 
_refine.pdbx_refine_id                           'X-RAY DIFFRACTION' 
_refine.entry_id                                 1GK7 
_refine.pdbx_diffrn_id                           1 
_refine.pdbx_TLS_residual_ADP_flag               ? 
_refine.ls_number_reflns_obs                     10979 
_refine.ls_number_reflns_all                     ? 
_refine.pdbx_ls_sigma_I                          ? 
_refine.pdbx_ls_sigma_F                          ? 
_refine.pdbx_data_cutoff_high_absF               ? 
_refine.pdbx_data_cutoff_low_absF                ? 
_refine.pdbx_data_cutoff_high_rms_absF           ? 
_refine.ls_d_res_low                             49.39 
_refine.ls_d_res_high                            1.40 
_refine.ls_percent_reflns_obs                    99.7 
_refine.ls_R_factor_obs                          0.198 
_refine.ls_R_factor_all                          ? 
_refine.ls_R_factor_R_work                       0.197 
_refine.ls_R_factor_R_free                       0.216 
_refine.ls_R_factor_R_free_error                 ? 
_refine.ls_R_factor_R_free_error_details         ? 
_refine.ls_percent_reflns_R_free                 4.000 
_refine.ls_number_reflns_R_free                  461 
_refine.ls_number_parameters                     ? 
_refine.ls_number_restraints                     ? 
_refine.occupancy_min                            ? 
_refine.occupancy_max                            ? 
_refine.correlation_coeff_Fo_to_Fc               0.958 
_refine.correlation_coeff_Fo_to_Fc_free          0.957 
_refine.B_iso_mean                               ? 
_refine.aniso_B[1][1]                            ? 
_refine.aniso_B[2][2]                            ? 
_refine.aniso_B[3][3]                            ? 
_refine.aniso_B[1][2]                            ? 
_refine.aniso_B[1][3]                            ? 
_refine.aniso_B[2][3]                            ? 
_refine.solvent_model_details                    'BABINET MODEL WITH MASK' 
_refine.solvent_model_param_ksol                 ? 
_refine.solvent_model_param_bsol                 ? 
_refine.pdbx_solvent_vdw_probe_radii             1.40 
_refine.pdbx_solvent_ion_probe_radii             0.80 
_refine.pdbx_solvent_shrinkage_radii             0.80 
_refine.pdbx_ls_cross_valid_method               THROUGHOUT 
_refine.details                                  'HYDROGENS HAVE BEEN ADDED IN THE RIDING POSITIONS' 
_refine.pdbx_starting_model                      2ZTA 
_refine.pdbx_method_to_determine_struct          'MOLECULAR REPLACEMENT' 
_refine.pdbx_isotropic_thermal_model             ? 
_refine.pdbx_stereochemistry_target_values       'MAXIMUM LIKELIHOOD' 
_refine.pdbx_stereochem_target_val_spec_case     ? 
_refine.pdbx_R_Free_selection_details            RANDOM 
_refine.pdbx_overall_ESU_R                       0.062 
_refine.pdbx_overall_ESU_R_Free                  0.057 
_refine.overall_SU_ML                            0.041 
_refine.pdbx_overall_phase_error                 ? 
_refine.overall_SU_B                             1.967 
_refine.overall_SU_R_Cruickshank_DPI             ? 
_refine.pdbx_overall_SU_R_free_Cruickshank_DPI   ? 
_refine.pdbx_overall_SU_R_Blow_DPI               ? 
_refine.pdbx_overall_SU_R_free_Blow_DPI          ? 
# 
_refine_hist.pdbx_refine_id                   'X-RAY DIFFRACTION' 
_refine_hist.cycle_id                         LAST 
_refine_hist.pdbx_number_atoms_protein        328 
_refine_hist.pdbx_number_atoms_nucleic_acid   0 
_refine_hist.pdbx_number_atoms_ligand         5 
_refine_hist.number_atoms_solvent             35 
_refine_hist.number_atoms_total               368 
_refine_hist.d_res_high                       1.40 
_refine_hist.d_res_low                        49.39 
# 
loop_
_refine_ls_restr.type 
_refine_ls_restr.dev_ideal 
_refine_ls_restr.dev_ideal_target 
_refine_ls_restr.weight 
_refine_ls_restr.number 
_refine_ls_restr.pdbx_refine_id 
_refine_ls_restr.pdbx_restraint_function 
r_bond_refined_d             0.020 0.021 ? 341 'X-RAY DIFFRACTION' ? 
r_bond_other_d               0.001 0.020 ? 310 'X-RAY DIFFRACTION' ? 
r_angle_refined_deg          ?     ?     ? ?   'X-RAY DIFFRACTION' ? 
r_angle_other_deg            2.034 1.996 ? 456 'X-RAY DIFFRACTION' ? 
r_dihedral_angle_1_deg       ?     ?     ? ?   'X-RAY DIFFRACTION' ? 
r_dihedral_angle_2_deg       ?     ?     ? ?   'X-RAY DIFFRACTION' ? 
r_dihedral_angle_3_deg       0.856 3.000 ? 725 'X-RAY DIFFRACTION' ? 
r_dihedral_angle_4_deg       ?     ?     ? ?   'X-RAY DIFFRACTION' ? 
r_chiral_restr               0.116 0.200 ? 50  'X-RAY DIFFRACTION' ? 
r_gen_planes_refined         0.009 0.020 ? 371 'X-RAY DIFFRACTION' ? 
r_gen_planes_other           0.004 0.020 ? 64  'X-RAY DIFFRACTION' ? 
r_nbd_refined                0.344 0.300 ? 107 'X-RAY DIFFRACTION' ? 
r_nbd_other                  0.222 0.300 ? 305 'X-RAY DIFFRACTION' ? 
r_nbtor_refined              ?     ?     ? ?   'X-RAY DIFFRACTION' ? 
r_nbtor_other                ?     ?     ? ?   'X-RAY DIFFRACTION' ? 
r_xyhbond_nbd_refined        0.286 0.500 ? 19  'X-RAY DIFFRACTION' ? 
r_xyhbond_nbd_other          0.550 0.000 ? 1   'X-RAY DIFFRACTION' ? 
r_metal_ion_refined          ?     ?     ? ?   'X-RAY DIFFRACTION' ? 
r_metal_ion_other            ?     ?     ? ?   'X-RAY DIFFRACTION' ? 
r_symmetry_vdw_refined       0.423 0.300 ? 36  'X-RAY DIFFRACTION' ? 
r_symmetry_vdw_other         0.419 0.300 ? 53  'X-RAY DIFFRACTION' ? 
r_symmetry_hbond_refined     0.220 0.500 ? 10  'X-RAY DIFFRACTION' ? 
r_symmetry_hbond_other       ?     ?     ? ?   'X-RAY DIFFRACTION' ? 
r_symmetry_metal_ion_refined ?     ?     ? ?   'X-RAY DIFFRACTION' ? 
r_symmetry_metal_ion_other   ?     ?     ? ?   'X-RAY DIFFRACTION' ? 
r_mcbond_it                  2.254 1.500 ? 195 'X-RAY DIFFRACTION' ? 
r_mcbond_other               ?     ?     ? ?   'X-RAY DIFFRACTION' ? 
r_mcangle_it                 3.323 2.000 ? 312 'X-RAY DIFFRACTION' ? 
r_mcangle_other              ?     ?     ? ?   'X-RAY DIFFRACTION' ? 
r_scbond_it                  5.128 3.000 ? 146 'X-RAY DIFFRACTION' ? 
r_scbond_other               ?     ?     ? ?   'X-RAY DIFFRACTION' ? 
r_scangle_it                 7.867 4.500 ? 144 'X-RAY DIFFRACTION' ? 
r_scangle_other              ?     ?     ? ?   'X-RAY DIFFRACTION' ? 
r_long_range_B_refined       ?     ?     ? ?   'X-RAY DIFFRACTION' ? 
r_long_range_B_other         ?     ?     ? ?   'X-RAY DIFFRACTION' ? 
r_rigid_bond_restr           ?     ?     ? ?   'X-RAY DIFFRACTION' ? 
r_sphericity_free            ?     ?     ? ?   'X-RAY DIFFRACTION' ? 
r_sphericity_bonded          ?     ?     ? ?   'X-RAY DIFFRACTION' ? 
# 
_refine_ls_shell.pdbx_refine_id                   'X-RAY DIFFRACTION' 
_refine_ls_shell.pdbx_total_number_of_bins_used   20 
_refine_ls_shell.d_res_high                       1.40 
_refine_ls_shell.d_res_low                        1.44 
_refine_ls_shell.number_reflns_R_work             769 
_refine_ls_shell.R_factor_R_work                  0.1990 
_refine_ls_shell.percent_reflns_obs               ? 
_refine_ls_shell.R_factor_R_free                  0.2480 
_refine_ls_shell.R_factor_R_free_error            ? 
_refine_ls_shell.percent_reflns_R_free            ? 
_refine_ls_shell.number_reflns_R_free             44 
_refine_ls_shell.number_reflns_all                ? 
_refine_ls_shell.R_factor_all                     ? 
# 
_struct.entry_id                  1GK7 
_struct.title                     'HUMAN VIMENTIN COIL 1A FRAGMENT (1A)' 
_struct.pdbx_model_details        ? 
_struct.pdbx_CASP_flag            ? 
_struct.pdbx_model_type_details   ? 
# 
_struct_keywords.entry_id        1GK7 
_struct_keywords.pdbx_keywords   VIMENTIN 
_struct_keywords.text            'VIMENTIN, INTERMEDIATE FILAMENT, HEPTAD REPEAT' 
# 
loop_
_struct_asym.id 
_struct_asym.pdbx_blank_PDB_chainid_flag 
_struct_asym.pdbx_modified 
_struct_asym.entity_id 
_struct_asym.details 
A N N 1 ? 
B N N 2 ? 
C N N 3 ? 
# 
_struct_biol.id   1 
# 
_struct_conf.conf_type_id            HELX_P 
_struct_conf.id                      HELX_P1 
_struct_conf.pdbx_PDB_helix_id       1 
_struct_conf.beg_label_comp_id       GLY 
_struct_conf.beg_label_asym_id       A 
_struct_conf.beg_label_seq_id        1 
_struct_conf.pdbx_beg_PDB_ins_code   ? 
_struct_conf.end_label_comp_id       LEU 
_struct_conf.end_label_asym_id       A 
_struct_conf.end_label_seq_id        39 
_struct_conf.pdbx_end_PDB_ins_code   ? 
_struct_conf.beg_auth_comp_id        GLY 
_struct_conf.beg_auth_asym_id        A 
_struct_conf.beg_auth_seq_id         100 
_struct_conf.end_auth_comp_id        LEU 
_struct_conf.end_auth_asym_id        A 
_struct_conf.end_auth_seq_id         138 
_struct_conf.pdbx_PDB_helix_class    1 
_struct_conf.details                 ? 
_struct_conf.pdbx_PDB_helix_length   39 
# 
_struct_conf_type.id          HELX_P 
_struct_conf_type.criteria    ? 
_struct_conf_type.reference   ? 
# 
_struct_site.id                   AC1 
_struct_site.pdbx_evidence_code   Software 
_struct_site.pdbx_auth_asym_id    ? 
_struct_site.pdbx_auth_comp_id    ? 
_struct_site.pdbx_auth_seq_id     ? 
_struct_site.pdbx_auth_ins_code   ? 
_struct_site.pdbx_num_residues    6 
_struct_site.details              'BINDING SITE FOR RESIDUE SO4 A1139' 
# 
loop_
_struct_site_gen.id 
_struct_site_gen.site_id 
_struct_site_gen.pdbx_num_res 
_struct_site_gen.label_comp_id 
_struct_site_gen.label_asym_id 
_struct_site_gen.label_seq_id 
_struct_site_gen.pdbx_auth_ins_code 
_struct_site_gen.auth_comp_id 
_struct_site_gen.auth_asym_id 
_struct_site_gen.auth_seq_id 
_struct_site_gen.label_atom_id 
_struct_site_gen.label_alt_id 
_struct_site_gen.symmetry 
_struct_site_gen.details 
1 AC1 6 GLY A 1 ? GLY A 100 . ? 1_555 ? 
2 AC1 6 SER A 2 ? SER A 101 . ? 1_555 ? 
3 AC1 6 ASN A 3 ? ASN A 102 . ? 1_555 ? 
4 AC1 6 GLU A 4 ? GLU A 103 . ? 1_555 ? 
5 AC1 6 VAL A 6 ? VAL A 105 . ? 1_555 ? 
6 AC1 6 GLU A 7 ? GLU A 106 . ? 1_555 ? 
# 
_atom_sites.entry_id                    1GK7 
_atom_sites.fract_transf_matrix[1][1]   0.00047270 
_atom_sites.fract_transf_matrix[1][2]   0.01859390 
_atom_sites.fract_transf_matrix[1][3]   -0.00823167 
_atom_sites.fract_transf_matrix[2][1]   -0.00144095 
_atom_sites.fract_transf_matrix[2][2]   0.01643091 
_atom_sites.fract_transf_matrix[2][3]   0.01190229 
_atom_sites.fract_transf_matrix[3][1]   0.01703458 
_atom_sites.fract_transf_matrix[3][2]   0.00029788 
_atom_sites.fract_transf_matrix[3][3]   0.00165107 
_atom_sites.fract_transf_vector[1]      0.638765 
_atom_sites.fract_transf_vector[2]      0.454840 
_atom_sites.fract_transf_vector[3]      0.081402 
# 
loop_
_atom_type.symbol 
C 
N 
O 
S 
# 
loop_
_atom_site.group_PDB 
_atom_site.id 
_atom_site.type_symbol 
_atom_site.label_atom_id 
_atom_site.label_alt_id 
_atom_site.label_comp_id 
_atom_site.label_asym_id 
_atom_site.label_entity_id 
_atom_site.label_seq_id 
_atom_site.pdbx_PDB_ins_code 
_atom_site.Cartn_x 
_atom_site.Cartn_y 
_atom_site.Cartn_z 
_atom_site.occupancy 
_atom_site.B_iso_or_equiv 
_atom_site.pdbx_formal_charge 
_atom_site.auth_seq_id 
_atom_site.auth_comp_id 
_atom_site.auth_asym_id 
_atom_site.auth_atom_id 
_atom_site.pdbx_PDB_model_num 
ATOM   1   N N   . GLY A 1 1  ? -2.724 -22.144 17.504  1.00 38.78 ? 100  GLY A N   1 
ATOM   2   C CA  . GLY A 1 1  ? -1.708 -23.119 16.980  1.00 38.76 ? 100  GLY A CA  1 
ATOM   3   C C   . GLY A 1 1  ? -1.275 -22.847 15.543  1.00 38.88 ? 100  GLY A C   1 
ATOM   4   O O   . GLY A 1 1  ? -1.335 -21.711 15.083  1.00 38.02 ? 100  GLY A O   1 
ATOM   5   N N   . SER A 1 2  ? -0.658 -23.843 14.914  1.00 39.35 ? 101  SER A N   1 
ATOM   6   C CA  . SER A 1 2  ? -0.292 -23.812 13.491  1.00 39.28 ? 101  SER A CA  1 
ATOM   7   C C   . SER A 1 2  ? -1.263 -23.121 12.509  1.00 38.46 ? 101  SER A C   1 
ATOM   8   O O   . SER A 1 2  ? -0.816 -22.331 11.672  1.00 39.06 ? 101  SER A O   1 
ATOM   9   C CB  . SER A 1 2  ? 0.056  -25.226 13.012  1.00 40.29 ? 101  SER A CB  1 
ATOM   10  O OG  . SER A 1 2  ? -1.067 -26.086 13.070  1.00 43.52 ? 101  SER A OG  1 
ATOM   11  N N   . ASN A 1 3  ? -2.564 -23.375 12.564  1.00 37.53 ? 102  ASN A N   1 
ATOM   12  C CA  . ASN A 1 3  ? -3.476 -22.678 11.641  1.00 37.20 ? 102  ASN A CA  1 
ATOM   13  C C   . ASN A 1 3  ? -3.496 -21.154 11.924  1.00 35.51 ? 102  ASN A C   1 
ATOM   14  O O   . ASN A 1 3  ? -3.427 -20.297 11.047  1.00 32.98 ? 102  ASN A O   1 
ATOM   15  C CB  . ASN A 1 3  ? -4.898 -23.232 11.762  0.50 37.36 ? 102  ASN A CB  1 
ATOM   16  C CG  . ASN A 1 3  ? -5.100 -24.519 10.993  0.50 40.05 ? 102  ASN A CG  1 
ATOM   17  O OD1 . ASN A 1 3  ? -5.044 -25.612 11.560  0.50 42.90 ? 102  ASN A OD1 1 
ATOM   18  N ND2 . ASN A 1 3  ? -5.364 -24.399 9.696   0.50 42.21 ? 102  ASN A ND2 1 
ATOM   19  N N   . GLU A 1 4  ? -3.615 -20.791 13.179  1.00 33.91 ? 103  GLU A N   1 
ATOM   20  C CA  . GLU A 1 4  ? -3.599 -19.379 13.551  1.00 33.44 ? 103  GLU A CA  1 
ATOM   21  C C   . GLU A 1 4  ? -2.278 -18.688 13.165  1.00 32.49 ? 103  GLU A C   1 
ATOM   22  O O   . GLU A 1 4  ? -2.231 -17.504 12.745  1.00 31.17 ? 103  GLU A O   1 
ATOM   23  C CB  . GLU A 1 4  ? -3.792 -19.322 15.062  1.00 33.73 ? 103  GLU A CB  1 
ATOM   24  C CG  . GLU A 1 4  ? -4.790 -18.315 15.570  1.00 35.61 ? 103  GLU A CG  1 
ATOM   25  C CD  . GLU A 1 4  ? -4.547 -16.924 15.041  1.00 38.76 ? 103  GLU A CD  1 
ATOM   26  O OE1 . GLU A 1 4  ? -3.382 -16.511 14.984  1.00 38.51 ? 103  GLU A OE1 1 
ATOM   27  O OE2 . GLU A 1 4  ? -5.534 -16.224 14.690  1.00 40.82 ? 103  GLU A OE2 1 
ATOM   28  N N   . LYS A 1 5  ? -1.184 -19.413 13.265  1.00 33.56 ? 104  LYS A N   1 
ATOM   29  C CA  . LYS A 1 5  ? 0.129  -18.864 12.914  1.00 33.64 ? 104  LYS A CA  1 
ATOM   30  C C   . LYS A 1 5  ? 0.177  -18.443 11.453  1.00 33.11 ? 104  LYS A C   1 
ATOM   31  O O   . LYS A 1 5  ? 0.595  -17.312 11.084  1.00 32.86 ? 104  LYS A O   1 
ATOM   32  C CB  . LYS A 1 5  ? 1.230  -19.892 13.126  1.00 34.83 ? 104  LYS A CB  1 
ATOM   33  C CG  . LYS A 1 5  ? 2.592  -19.314 12.786  1.00 36.95 ? 104  LYS A CG  1 
ATOM   34  C CD  . LYS A 1 5  ? 3.753  -20.253 13.006  1.00 40.30 ? 104  LYS A CD  1 
ATOM   35  C CE  . LYS A 1 5  ? 5.088  -19.554 12.694  1.00 43.30 ? 104  LYS A CE  1 
ATOM   36  N NZ  . LYS A 1 5  ? 5.511  -18.537 13.712  1.00 46.08 ? 104  LYS A NZ  1 
ATOM   37  N N   . VAL A 1 6  ? -0.327 -19.321 10.615  1.00 32.88 ? 105  VAL A N   1 
ATOM   38  C CA  . VAL A 1 6  ? -0.319 -19.043 9.210   1.00 33.15 ? 105  VAL A CA  1 
ATOM   39  C C   . VAL A 1 6  ? -1.233 -17.831 9.040   1.00 31.59 ? 105  VAL A C   1 
ATOM   40  O O   . VAL A 1 6  ? -0.932 -16.915 8.270   1.00 32.38 ? 105  VAL A O   1 
ATOM   41  C CB  . VAL A 1 6  ? -0.774 -20.234 8.309   1.00 34.82 ? 105  VAL A CB  1 
ATOM   42  C CG1 . VAL A 1 6  ? -2.064 -20.881 8.736   1.00 37.93 ? 105  VAL A CG1 1 
ATOM   43  C CG2 . VAL A 1 6  ? -0.990 -19.726 6.974   1.00 34.68 ? 105  VAL A CG2 1 
ATOM   44  N N   . GLU A 1 7  ? -2.344 -17.797 9.761   1.00 29.77 ? 106  GLU A N   1 
ATOM   45  C CA  . GLU A 1 7  ? -3.299 -16.688 9.652   1.00 27.33 ? 106  GLU A CA  1 
ATOM   46  C C   . GLU A 1 7  ? -2.670 -15.290 9.931   1.00 24.83 ? 106  GLU A C   1 
ATOM   47  O O   . GLU A 1 7  ? -2.816 -14.365 9.117   1.00 23.42 ? 106  GLU A O   1 
ATOM   48  C CB  . GLU A 1 7  ? -4.489 -16.913 10.605  1.00 30.30 ? 106  GLU A CB  1 
ATOM   49  C CG  . GLU A 1 7  ? -5.451 -15.741 10.726  1.00 30.34 ? 106  GLU A CG  1 
ATOM   50  C CD  . GLU A 1 7  ? -6.286 -15.706 12.050  1.00 31.24 ? 106  GLU A CD  1 
ATOM   51  O OE1 . GLU A 1 7  ? -5.808 -15.584 13.250  1.00 35.40 ? 106  GLU A OE1 1 
ATOM   52  O OE2 . GLU A 1 7  ? -7.483 -15.767 11.882  1.00 29.71 ? 106  GLU A OE2 1 
ATOM   53  N N   . LEU A 1 8  ? -1.936 -15.124 11.014  1.00 22.81 ? 107  LEU A N   1 
ATOM   54  C CA  . LEU A 1 8  ? -1.347 -13.839 11.392  1.00 22.36 ? 107  LEU A CA  1 
ATOM   55  C C   . LEU A 1 8  ? -0.220 -13.413 10.454  1.00 21.43 ? 107  LEU A C   1 
ATOM   56  O O   . LEU A 1 8  ? -0.029 -12.229 10.175  1.00 22.98 ? 107  LEU A O   1 
ATOM   57  C CB  . LEU A 1 8  ? -0.886 -13.820 12.838  1.00 23.86 ? 107  LEU A CB  1 
ATOM   58  C CG  . LEU A 1 8  ? -2.085 -13.881 13.800  1.00 25.53 ? 107  LEU A CG  1 
ATOM   59  C CD1 . LEU A 1 8  ? -1.529 -13.760 15.231  1.00 28.50 ? 107  LEU A CD1 1 
ATOM   60  C CD2 . LEU A 1 8  ? -3.153 -12.871 13.598  1.00 26.11 ? 107  LEU A CD2 1 
ATOM   61  N N   . GLN A 1 9  ? 0.545  -14.365 9.950   1.00 21.81 ? 108  GLN A N   1 
ATOM   62  C CA  . GLN A 1 9  ? 1.568  -14.086 8.971   1.00 22.67 ? 108  GLN A CA  1 
ATOM   63  C C   . GLN A 1 9  ? 0.927  -13.603 7.652   1.00 22.27 ? 108  GLN A C   1 
ATOM   64  O O   . GLN A 1 9  ? 1.399  -12.679 7.020   1.00 22.64 ? 108  GLN A O   1 
ATOM   65  C CB  . GLN A 1 9  ? 2.410  -15.290 8.640   1.00 24.20 ? 108  GLN A CB  1 
ATOM   66  C CG  . GLN A 1 9  ? 3.603  -14.940 7.799   1.00 28.58 ? 108  GLN A CG  1 
ATOM   67  C CD  . GLN A 1 9  ? 4.559  -13.983 8.503   1.00 34.34 ? 108  GLN A CD  1 
ATOM   68  O OE1 . GLN A 1 9  ? 5.145  -14.331 9.547   1.00 40.30 ? 108  GLN A OE1 1 
ATOM   69  N NE2 . GLN A 1 9  ? 4.735  -12.770 7.926   1.00 39.37 ? 108  GLN A NE2 1 
ATOM   70  N N   . GLU A 1 10 ? -0.166 -14.219 7.267   1.00 21.45 ? 109  GLU A N   1 
ATOM   71  C CA  . GLU A 1 10 ? -0.887 -13.796 6.100   1.00 22.39 ? 109  GLU A CA  1 
ATOM   72  C C   . GLU A 1 10 ? -1.422 -12.391 6.284   1.00 20.75 ? 109  GLU A C   1 
ATOM   73  O O   . GLU A 1 10 ? -1.361 -11.559 5.362   1.00 21.60 ? 109  GLU A O   1 
ATOM   74  C CB  . GLU A 1 10 ? -2.010 -14.739 5.817   1.00 25.71 ? 109  GLU A CB  1 
ATOM   75  C CG  . GLU A 1 10 ? -2.799 -14.520 4.584   1.00 29.32 ? 109  GLU A CG  1 
ATOM   76  C CD  . GLU A 1 10 ? -3.938 -15.513 4.533   1.00 37.95 ? 109  GLU A CD  1 
ATOM   77  O OE1 . GLU A 1 10 ? -4.383 -16.000 5.617   1.00 43.41 ? 109  GLU A OE1 1 
ATOM   78  O OE2 . GLU A 1 10 ? -4.431 -15.782 3.431   1.00 44.47 ? 109  GLU A OE2 1 
ATOM   79  N N   . LEU A 1 11 ? -1.967 -12.102 7.451   1.00 19.24 ? 110  LEU A N   1 
ATOM   80  C CA  . LEU A 1 11 ? -2.502 -10.776 7.727   1.00 18.44 ? 110  LEU A CA  1 
ATOM   81  C C   . LEU A 1 11 ? -1.387 -9.744  7.625   1.00 17.97 ? 110  LEU A C   1 
ATOM   82  O O   . LEU A 1 11 ? -1.549 -8.686  6.952   1.00 19.12 ? 110  LEU A O   1 
ATOM   83  C CB  . LEU A 1 11 ? -3.214 -10.803 9.085   1.00 18.53 ? 110  LEU A CB  1 
ATOM   84  C CG  . LEU A 1 11 ? -3.832 -9.499  9.520   1.00 18.94 ? 110  LEU A CG  1 
ATOM   85  C CD1 . LEU A 1 11 ? -4.894 -9.029  8.505   1.00 21.05 ? 110  LEU A CD1 1 
ATOM   86  C CD2 . LEU A 1 11 ? -4.438 -9.611  10.891  1.00 20.21 ? 110  LEU A CD2 1 
ATOM   87  N N   . ASN A 1 12 ? -0.233 -9.985  8.245   1.00 19.08 ? 111  ASN A N   1 
ATOM   88  C CA  . ASN A 1 12 ? 0.873  -9.102  8.192   1.00 20.52 ? 111  ASN A CA  1 
ATOM   89  C C   . ASN A 1 12 ? 1.332  -8.869  6.751   1.00 20.46 ? 111  ASN A C   1 
ATOM   90  O O   . ASN A 1 12 ? 1.592  -7.732  6.374   1.00 22.03 ? 111  ASN A O   1 
ATOM   91  C CB  . ASN A 1 12 ? 2.039  -9.646  9.016   1.00 22.35 ? 111  ASN A CB  1 
ATOM   92  C CG  . ASN A 1 12 ? 3.131  -8.634  9.248   1.00 25.68 ? 111  ASN A CG  1 
ATOM   93  O OD1 . ASN A 1 12 ? 4.244  -8.788  8.747   1.00 33.65 ? 111  ASN A OD1 1 
ATOM   94  N ND2 . ASN A 1 12 ? 2.842  -7.619  9.994   1.00 28.14 ? 111  ASN A ND2 1 
ATOM   95  N N   . ASP A 1 13 ? 1.377  -9.946  5.982   1.00 20.44 ? 112  ASP A N   1 
ATOM   96  C CA  . ASP A 1 13 ? 1.884  -9.885  4.606   1.00 21.55 ? 112  ASP A CA  1 
ATOM   97  C C   . ASP A 1 13 ? 0.922  -9.117  3.691   1.00 21.09 ? 112  ASP A C   1 
ATOM   98  O O   . ASP A 1 13 ? 1.334  -8.329  2.816   1.00 22.79 ? 112  ASP A O   1 
ATOM   99  C CB  . ASP A 1 13 ? 2.131  -11.273 4.052   1.00 22.81 ? 112  ASP A CB  1 
ATOM   100 C CG  . ASP A 1 13 ? 3.324  -11.940 4.695   1.00 26.83 ? 112  ASP A CG  1 
ATOM   101 O OD1 . ASP A 1 13 ? 4.074  -11.307 5.491   1.00 30.58 ? 112  ASP A OD1 1 
ATOM   102 O OD2 . ASP A 1 13 ? 3.548  -13.121 4.511   1.00 32.99 ? 112  ASP A OD2 1 
ATOM   103 N N   . ARG A 1 14 ? -0.362 -9.371  3.868   1.00 20.09 ? 113  ARG A N   1 
ATOM   104 C CA  . ARG A 1 14 ? -1.345 -8.661  3.053   1.00 19.99 ? 113  ARG A CA  1 
ATOM   105 C C   . ARG A 1 14 ? -1.334 -7.205  3.432   1.00 19.34 ? 113  ARG A C   1 
ATOM   106 O O   . ARG A 1 14 ? -1.519 -6.324  2.560   1.00 20.39 ? 113  ARG A O   1 
ATOM   107 C CB  A ARG A 1 14 ? -2.753 -9.219  3.237   0.50 20.22 ? 113  ARG A CB  1 
ATOM   108 C CB  B ARG A 1 14 ? -2.725 -9.279  3.190   0.50 20.44 ? 113  ARG A CB  1 
ATOM   109 C CG  A ARG A 1 14 ? -3.020 -10.569 2.632   0.50 21.65 ? 113  ARG A CG  1 
ATOM   110 C CG  B ARG A 1 14 ? -2.862 -10.628 2.527   0.50 23.19 ? 113  ARG A CG  1 
ATOM   111 C CD  A ARG A 1 14 ? -2.831 -10.637 1.139   0.50 25.60 ? 113  ARG A CD  1 
ATOM   112 C CD  B ARG A 1 14 ? -4.281 -11.150 2.473   0.50 28.67 ? 113  ARG A CD  1 
ATOM   113 N NE  A ARG A 1 14 ? -3.198 -11.959 0.641   0.50 30.56 ? 113  ARG A NE  1 
ATOM   114 N NE  B ARG A 1 14 ? -4.438 -12.245 1.523   0.50 35.78 ? 113  ARG A NE  1 
ATOM   115 C CZ  A ARG A 1 14 ? -3.790 -12.165 -0.525  0.50 35.00 ? 113  ARG A CZ  1 
ATOM   116 C CZ  B ARG A 1 14 ? -4.685 -13.523 1.806   0.50 39.62 ? 113  ARG A CZ  1 
ATOM   117 N NH1 A ARG A 1 14 ? -4.074 -11.131 -1.302  0.50 37.29 ? 113  ARG A NH1 1 
ATOM   118 N NH1 B ARG A 1 14 ? -4.833 -13.952 3.044   0.50 42.03 ? 113  ARG A NH1 1 
ATOM   119 N NH2 A ARG A 1 14 ? -4.104 -13.392 -0.910  0.50 36.63 ? 113  ARG A NH2 1 
ATOM   120 N NH2 B ARG A 1 14 ? -4.804 -14.393 0.819   0.50 41.77 ? 113  ARG A NH2 1 
ATOM   121 N N   . PHE A 1 15 ? -1.151 -6.865  4.696   1.00 18.33 ? 114  PHE A N   1 
ATOM   122 C CA  . PHE A 1 15 ? -1.082 -5.448  5.063   1.00 18.44 ? 114  PHE A CA  1 
ATOM   123 C C   . PHE A 1 15 ? 0.154  -4.798  4.460   1.00 18.88 ? 114  PHE A C   1 
ATOM   124 O O   . PHE A 1 15 ? 0.065  -3.682  3.915   1.00 20.48 ? 114  PHE A O   1 
ATOM   125 C CB  . PHE A 1 15 ? -1.094 -5.214  6.550   1.00 19.15 ? 114  PHE A CB  1 
ATOM   126 C CG  . PHE A 1 15 ? -1.093 -3.783  6.850   1.00 20.19 ? 114  PHE A CG  1 
ATOM   127 C CD1 . PHE A 1 15 ? -2.268 -3.103  6.829   1.00 21.69 ? 114  PHE A CD1 1 
ATOM   128 C CD2 . PHE A 1 15 ? 0.080  -3.113  7.092   1.00 20.17 ? 114  PHE A CD2 1 
ATOM   129 C CE1 . PHE A 1 15 ? -2.303 -1.729  7.018   1.00 22.32 ? 114  PHE A CE1 1 
ATOM   130 C CE2 . PHE A 1 15 ? 0.061  -1.750  7.320   1.00 23.57 ? 114  PHE A CE2 1 
ATOM   131 C CZ  . PHE A 1 15 ? -1.150 -1.088  7.328   1.00 23.58 ? 114  PHE A CZ  1 
ATOM   132 N N   . ALA A 1 16 ? 1.291  -5.493  4.485   1.00 20.28 ? 115  ALA A N   1 
ATOM   133 C CA  . ALA A 1 16 ? 2.499  -4.955  3.880   1.00 21.58 ? 115  ALA A CA  1 
ATOM   134 C C   . ALA A 1 16 ? 2.261  -4.616  2.417   1.00 21.60 ? 115  ALA A C   1 
ATOM   135 O O   . ALA A 1 16 ? 2.650  -3.507  1.940   1.00 23.98 ? 115  ALA A O   1 
ATOM   136 C CB  . ALA A 1 16 ? 3.646  -5.900  4.021   1.00 23.14 ? 115  ALA A CB  1 
ATOM   137 N N   . ASN A 1 17 ? 1.619  -5.529  1.714   1.00 21.69 ? 116  ASN A N   1 
ATOM   138 C CA  . ASN A 1 17 ? 1.374  -5.296  0.285   1.00 22.09 ? 116  ASN A CA  1 
ATOM   139 C C   . ASN A 1 17 ? 0.448  -4.076  0.127   1.00 20.34 ? 116  ASN A C   1 
ATOM   140 O O   . ASN A 1 17 ? 0.648  -3.236  -0.756  1.00 22.09 ? 116  ASN A O   1 
ATOM   141 C CB  . ASN A 1 17 ? 0.722  -6.470  -0.395  1.00 23.89 ? 116  ASN A CB  1 
ATOM   142 C CG  . ASN A 1 17 ? 1.587  -7.667  -0.466  1.00 27.66 ? 116  ASN A CG  1 
ATOM   143 O OD1 . ASN A 1 17 ? 2.804  -7.562  -0.391  1.00 34.33 ? 116  ASN A OD1 1 
ATOM   144 N ND2 . ASN A 1 17 ? 0.959  -8.835  -0.619  1.00 32.86 ? 116  ASN A ND2 1 
ATOM   145 N N   . TYR A 1 18 ? -0.582 -3.988  0.937   1.00 18.81 ? 117  TYR A N   1 
ATOM   146 C CA  . TYR A 1 18 ? -1.535 -2.874  0.887   1.00 17.35 ? 117  TYR A CA  1 
ATOM   147 C C   . TYR A 1 18 ? -0.875 -1.553  1.145   1.00 17.96 ? 117  TYR A C   1 
ATOM   148 O O   . TYR A 1 18 ? -1.074 -0.599  0.360   1.00 18.98 ? 117  TYR A O   1 
ATOM   149 C CB  . TYR A 1 18 ? -2.679 -3.115  1.908   1.00 17.76 ? 117  TYR A CB  1 
ATOM   150 C CG  . TYR A 1 18 ? -3.781 -2.104  1.806   1.00 17.02 ? 117  TYR A CG  1 
ATOM   151 C CD1 . TYR A 1 18 ? -3.721 -0.952  2.495   1.00 16.86 ? 117  TYR A CD1 1 
ATOM   152 C CD2 . TYR A 1 18 ? -4.865 -2.309  0.976   1.00 18.07 ? 117  TYR A CD2 1 
ATOM   153 C CE1 . TYR A 1 18 ? -4.681 0.025   2.352   1.00 16.76 ? 117  TYR A CE1 1 
ATOM   154 C CE2 . TYR A 1 18 ? -5.835 -1.331  0.818   1.00 18.14 ? 117  TYR A CE2 1 
ATOM   155 C CZ  . TYR A 1 18 ? -5.742 -0.167  1.508   1.00 16.67 ? 117  TYR A CZ  1 
ATOM   156 O OH  . TYR A 1 18 ? -6.736 0.776   1.329   1.00 19.23 ? 117  TYR A OH  1 
ATOM   157 N N   . ILE A 1 19 ? -0.131 -1.421  2.230   1.00 18.38 ? 118  ILE A N   1 
ATOM   158 C CA  . ILE A 1 19 ? 0.457  -0.135  2.615   1.00 18.87 ? 118  ILE A CA  1 
ATOM   159 C C   . ILE A 1 19 ? 1.465  0.274   1.534   1.00 19.24 ? 118  ILE A C   1 
ATOM   160 O O   . ILE A 1 19 ? 1.593  1.457   1.239   1.00 19.23 ? 118  ILE A O   1 
ATOM   161 C CB  . ILE A 1 19 ? 1.012  -0.128  4.039   1.00 20.06 ? 118  ILE A CB  1 
ATOM   162 C CG1 . ILE A 1 19 ? 1.170  1.286   4.527   1.00 23.13 ? 118  ILE A CG1 1 
ATOM   163 C CG2 . ILE A 1 19 ? 2.207  -0.975  4.136   1.00 21.05 ? 118  ILE A CG2 1 
ATOM   164 C CD1 . ILE A 1 19 ? -0.149 1.959   4.853   1.00 25.47 ? 118  ILE A CD1 1 
ATOM   165 N N   . ASP A 1 20 ? 2.188  -0.685  0.988   1.00 19.66 ? 119  ASP A N   1 
ATOM   166 C CA  . ASP A 1 20 ? 3.150  -0.337  -0.079  1.00 19.85 ? 119  ASP A CA  1 
ATOM   167 C C   . ASP A 1 20 ? 2.389  0.260   -1.256  1.00 19.78 ? 119  ASP A C   1 
ATOM   168 O O   . ASP A 1 20 ? 2.834  1.287   -1.864  1.00 20.99 ? 119  ASP A O   1 
ATOM   169 C CB  . ASP A 1 20 ? 3.899  -1.547  -0.571  1.00 20.75 ? 119  ASP A CB  1 
ATOM   170 C CG  . ASP A 1 20 ? 4.921  -2.049  0.386   1.00 26.05 ? 119  ASP A CG  1 
ATOM   171 O OD1 . ASP A 1 20 ? 5.242  -1.384  1.393   1.00 30.78 ? 119  ASP A OD1 1 
ATOM   172 O OD2 . ASP A 1 20 ? 5.471  -3.156  0.158   1.00 31.47 ? 119  ASP A OD2 1 
ATOM   173 N N   . LYS A 1 21 ? 1.278  -0.354  -1.611  1.00 18.82 ? 120  LYS A N   1 
ATOM   174 C CA  . LYS A 1 21 ? 0.494  0.121   -2.760  1.00 18.34 ? 120  LYS A CA  1 
ATOM   175 C C   . LYS A 1 21 ? -0.063 1.522   -2.510  1.00 18.65 ? 120  LYS A C   1 
ATOM   176 O O   . LYS A 1 21 ? 0.025  2.423   -3.377  1.00 18.86 ? 120  LYS A O   1 
ATOM   177 C CB  . LYS A 1 21 ? -0.635 -0.848  -3.111  1.00 20.82 ? 120  LYS A CB  1 
ATOM   178 C CG  . LYS A 1 21 ? -1.518 -0.370  -4.277  1.00 24.53 ? 120  LYS A CG  1 
ATOM   179 C CD  . LYS A 1 21 ? -2.598 -1.356  -4.617  1.00 31.51 ? 120  LYS A CD  1 
ATOM   180 C CE  . LYS A 1 21 ? -3.131 -1.171  -6.051  1.00 35.19 ? 120  LYS A CE  1 
ATOM   181 N NZ  . LYS A 1 21 ? -3.686 -2.479  -6.597  1.00 36.89 ? 120  LYS A NZ  1 
ATOM   182 N N   . VAL A 1 22 ? -0.720 1.725   -1.385  1.00 17.01 ? 121  VAL A N   1 
ATOM   183 C CA  . VAL A 1 22 ? -1.301 3.029   -1.136  1.00 17.22 ? 121  VAL A CA  1 
ATOM   184 C C   . VAL A 1 22 ? -0.236 4.116   -0.932  1.00 17.16 ? 121  VAL A C   1 
ATOM   185 O O   . VAL A 1 22 ? -0.459 5.286   -1.319  1.00 17.45 ? 121  VAL A O   1 
ATOM   186 C CB  . VAL A 1 22 ? -2.403 3.023   -0.055  1.00 17.33 ? 121  VAL A CB  1 
ATOM   187 C CG1 . VAL A 1 22 ? -3.580 2.226   -0.536  1.00 18.23 ? 121  VAL A CG1 1 
ATOM   188 C CG2 . VAL A 1 22 ? -1.927 2.545   1.302   1.00 18.86 ? 121  VAL A CG2 1 
ATOM   189 N N   . ARG A 1 23 ? 0.917  3.772   -0.397  1.00 17.54 ? 122  ARG A N   1 
ATOM   190 C CA  . ARG A 1 23 ? 1.970  4.758   -0.273  1.00 18.41 ? 122  ARG A CA  1 
ATOM   191 C C   . ARG A 1 23 ? 2.434  5.185   -1.680  1.00 18.75 ? 122  ARG A C   1 
ATOM   192 O O   . ARG A 1 23 ? 2.651  6.367   -1.929  1.00 18.89 ? 122  ARG A O   1 
ATOM   193 C CB  . ARG A 1 23 ? 3.126  4.243   0.533   1.00 20.43 ? 122  ARG A CB  1 
ATOM   194 C CG  . ARG A 1 23 ? 2.880  4.279   2.036   1.00 23.68 ? 122  ARG A CG  1 
ATOM   195 C CD  . ARG A 1 23 ? 3.923  3.468   2.796   1.00 28.53 ? 122  ARG A CD  1 
ATOM   196 N NE  . ARG A 1 23 ? 3.957  3.811   4.210   1.00 33.31 ? 122  ARG A NE  1 
ATOM   197 C CZ  . ARG A 1 23 ? 4.537  3.064   5.133   1.00 37.13 ? 122  ARG A CZ  1 
ATOM   198 N NH1 . ARG A 1 23 ? 5.069  1.884   4.813   1.00 37.75 ? 122  ARG A NH1 1 
ATOM   199 N NH2 . ARG A 1 23 ? 4.556  3.506   6.375   1.00 37.60 ? 122  ARG A NH2 1 
ATOM   200 N N   . PHE A 1 24 ? 2.590  4.220   -2.570  1.00 17.89 ? 123  PHE A N   1 
ATOM   201 C CA  . PHE A 1 24 ? 2.963  4.540   -3.947  1.00 17.45 ? 123  PHE A CA  1 
ATOM   202 C C   . PHE A 1 24 ? 1.907  5.403   -4.596  1.00 17.37 ? 123  PHE A C   1 
ATOM   203 O O   . PHE A 1 24 ? 2.233  6.414   -5.255  1.00 18.47 ? 123  PHE A O   1 
ATOM   204 C CB  . PHE A 1 24 ? 3.158  3.280   -4.749  1.00 18.10 ? 123  PHE A CB  1 
ATOM   205 C CG  . PHE A 1 24 ? 3.325  3.545   -6.212  1.00 18.87 ? 123  PHE A CG  1 
ATOM   206 C CD1 . PHE A 1 24 ? 4.512  4.024   -6.702  1.00 22.45 ? 123  PHE A CD1 1 
ATOM   207 C CD2 . PHE A 1 24 ? 2.288  3.372   -7.068  1.00 21.56 ? 123  PHE A CD2 1 
ATOM   208 C CE1 . PHE A 1 24 ? 4.648  4.310   -8.046  1.00 22.97 ? 123  PHE A CE1 1 
ATOM   209 C CE2 . PHE A 1 24 ? 2.444  3.660   -8.411  1.00 24.56 ? 123  PHE A CE2 1 
ATOM   210 C CZ  . PHE A 1 24 ? 3.617  4.111   -8.860  1.00 22.46 ? 123  PHE A CZ  1 
ATOM   211 N N   . LEU A 1 25 ? 0.650  5.036   -4.461  1.00 16.89 ? 124  LEU A N   1 
ATOM   212 C CA  . LEU A 1 25 ? -0.413 5.837   -5.074  1.00 16.25 ? 124  LEU A CA  1 
ATOM   213 C C   . LEU A 1 25 ? -0.546 7.231   -4.487  1.00 16.64 ? 124  LEU A C   1 
ATOM   214 O O   . LEU A 1 25 ? -0.898 8.170   -5.201  1.00 17.37 ? 124  LEU A O   1 
ATOM   215 C CB  . LEU A 1 25 ? -1.745 5.087   -5.104  1.00 16.81 ? 124  LEU A CB  1 
ATOM   216 C CG  . LEU A 1 25 ? -1.731 3.858   -5.983  1.00 17.75 ? 124  LEU A CG  1 
ATOM   217 C CD1 . LEU A 1 25 ? -2.942 2.997   -5.725  1.00 21.11 ? 124  LEU A CD1 1 
ATOM   218 C CD2 . LEU A 1 25 ? -1.622 4.218   -7.474  1.00 19.64 ? 124  LEU A CD2 1 
ATOM   219 N N   . GLU A 1 26 ? -0.273 7.430   -3.197  1.00 16.88 ? 125  GLU A N   1 
ATOM   220 C CA  . GLU A 1 26 ? -0.299 8.752   -2.619  1.00 18.17 ? 125  GLU A CA  1 
ATOM   221 C C   . GLU A 1 26 ? 0.818  9.588   -3.234  1.00 18.54 ? 125  GLU A C   1 
ATOM   222 O O   . GLU A 1 26 ? 0.620  10.778  -3.543  1.00 19.90 ? 125  GLU A O   1 
ATOM   223 C CB  . GLU A 1 26 ? -0.176 8.715   -1.093  1.00 19.22 ? 125  GLU A CB  1 
ATOM   224 C CG  . GLU A 1 26 ? -0.041 10.068  -0.454  1.00 22.45 ? 125  GLU A CG  1 
ATOM   225 C CD  . GLU A 1 26 ? -1.100 11.059  -0.843  1.00 27.01 ? 125  GLU A CD  1 
ATOM   226 O OE1 . GLU A 1 26 ? -2.176 10.674  -1.380  1.00 30.67 ? 125  GLU A OE1 1 
ATOM   227 O OE2 . GLU A 1 26 ? -0.835 12.245  -0.531  1.00 33.53 ? 125  GLU A OE2 1 
ATOM   228 N N   . GLN A 1 27 ? 1.984  8.981   -3.433  1.00 18.57 ? 126  GLN A N   1 
ATOM   229 C CA  . GLN A 1 27 ? 3.066  9.711   -4.075  1.00 19.21 ? 126  GLN A CA  1 
ATOM   230 C C   . GLN A 1 27 ? 2.616  10.091  -5.504  1.00 18.41 ? 126  GLN A C   1 
ATOM   231 O O   . GLN A 1 27 ? 2.886  11.224  -5.986  1.00 19.56 ? 126  GLN A O   1 
ATOM   232 C CB  . GLN A 1 27 ? 4.305  8.858   -4.197  1.00 21.44 ? 126  GLN A CB  1 
ATOM   233 C CG  . GLN A 1 27 ? 5.455  9.566   -4.673  1.00 28.28 ? 126  GLN A CG  1 
ATOM   234 C CD  . GLN A 1 27 ? 6.243  10.268  -3.630  1.00 31.96 ? 126  GLN A CD  1 
ATOM   235 O OE1 . GLN A 1 27 ? 5.746  10.586  -2.511  1.00 37.65 ? 126  GLN A OE1 1 
ATOM   236 N NE2 . GLN A 1 27 ? 7.505  10.486  -3.959  1.00 36.55 ? 126  GLN A NE2 1 
ATOM   237 N N   . GLN A 1 28 ? 1.987  9.140   -6.186  1.00 17.15 ? 127  GLN A N   1 
ATOM   238 C CA  . GLN A 1 28 ? 1.532  9.392   -7.559  1.00 17.29 ? 127  GLN A CA  1 
ATOM   239 C C   . GLN A 1 28 ? 0.492  10.483  -7.571  1.00 16.58 ? 127  GLN A C   1 
ATOM   240 O O   . GLN A 1 28 ? 0.474  11.335  -8.488  1.00 17.70 ? 127  GLN A O   1 
ATOM   241 C CB  . GLN A 1 28 ? 0.982  8.145   -8.188  1.00 18.41 ? 127  GLN A CB  1 
ATOM   242 C CG  . GLN A 1 28 ? 1.101  8.140   -9.642  1.00 22.78 ? 127  GLN A CG  1 
ATOM   243 C CD  . GLN A 1 28 ? 2.524  7.766   -10.161 1.00 21.10 ? 127  GLN A CD  1 
ATOM   244 O OE1 . GLN A 1 28 ? 2.589  7.396   -11.305 1.00 28.74 ? 127  GLN A OE1 1 
ATOM   245 N NE2 . GLN A 1 28 ? 3.609  7.941   -9.387  1.00 18.40 ? 127  GLN A NE2 1 
ATOM   246 N N   . ASN A 1 29 ? -0.413 10.553  -6.597  1.00 15.88 ? 128  ASN A N   1 
ATOM   247 C CA  . ASN A 1 29 ? -1.413 11.603  -6.564  1.00 16.20 ? 128  ASN A CA  1 
ATOM   248 C C   . ASN A 1 29 ? -0.738 12.968  -6.517  1.00 16.99 ? 128  ASN A C   1 
ATOM   249 O O   . ASN A 1 29 ? -1.197 13.926  -7.148  1.00 18.26 ? 128  ASN A O   1 
ATOM   250 C CB  . ASN A 1 29 ? -2.263 11.465  -5.289  1.00 16.55 ? 128  ASN A CB  1 
ATOM   251 C CG  . ASN A 1 29 ? -3.217 10.279  -5.284  1.00 17.81 ? 128  ASN A CG  1 
ATOM   252 O OD1 . ASN A 1 29 ? -3.740 9.917   -4.141  1.00 21.97 ? 128  ASN A OD1 1 
ATOM   253 N ND2 . ASN A 1 29 ? -3.491 9.709   -6.393  1.00 15.52 ? 128  ASN A ND2 1 
ATOM   254 N N   . LYS A 1 30 ? 0.288  13.079  -5.707  1.00 17.53 ? 129  LYS A N   1 
ATOM   255 C CA  . LYS A 1 30 ? 0.979  14.352  -5.568  1.00 18.70 ? 129  LYS A CA  1 
ATOM   256 C C   . LYS A 1 30 ? 1.748  14.705  -6.843  1.00 19.12 ? 129  LYS A C   1 
ATOM   257 O O   . LYS A 1 30 ? 1.742  15.878  -7.239  1.00 20.80 ? 129  LYS A O   1 
ATOM   258 C CB  . LYS A 1 30 ? 1.915  14.348  -4.390  1.00 20.41 ? 129  LYS A CB  1 
ATOM   259 C CG  . LYS A 1 30 ? 1.157  14.213  -3.045  1.00 22.79 ? 129  LYS A CG  1 
ATOM   260 C CD  . LYS A 1 30 ? 2.100  14.311  -1.895  1.00 26.61 ? 129  LYS A CD  1 
ATOM   261 C CE  . LYS A 1 30 ? 3.088  13.147  -1.905  1.00 30.95 ? 129  LYS A CE  1 
ATOM   262 N NZ  . LYS A 1 30 ? 3.943  13.019  -0.661  1.00 36.05 ? 129  LYS A NZ  1 
ATOM   263 N N   . ILE A 1 31 ? 2.338  13.734  -7.498  1.00 18.10 ? 130  ILE A N   1 
ATOM   264 C CA  . ILE A 1 31 ? 3.004  13.996  -8.783  1.00 17.63 ? 130  ILE A CA  1 
ATOM   265 C C   . ILE A 1 31 ? 1.998  14.435  -9.818  1.00 17.29 ? 130  ILE A C   1 
ATOM   266 O O   . ILE A 1 31 ? 2.211  15.425  -10.527 1.00 18.73 ? 130  ILE A O   1 
ATOM   267 C CB  . ILE A 1 31 ? 3.759  12.750  -9.251  1.00 16.94 ? 130  ILE A CB  1 
ATOM   268 C CG1 . ILE A 1 31 ? 4.953  12.531  -8.356  1.00 19.25 ? 130  ILE A CG1 1 
ATOM   269 C CG2 . ILE A 1 31 ? 4.135  12.857  -10.711 1.00 18.04 ? 130  ILE A CG2 1 
ATOM   270 C CD1 . ILE A 1 31 ? 5.557  11.177  -8.513  1.00 18.95 ? 130  ILE A CD1 1 
ATOM   271 N N   . LEU A 1 32 ? 0.906  13.721  -9.938  1.00 16.20 ? 131  LEU A N   1 
ATOM   272 C CA  . LEU A 1 32 ? -0.124 14.104  -10.881 1.00 15.86 ? 131  LEU A CA  1 
ATOM   273 C C   . LEU A 1 32 ? -0.653 15.492  -10.630 1.00 17.60 ? 131  LEU A C   1 
ATOM   274 O O   . LEU A 1 32 ? -0.856 16.282  -11.578 1.00 18.72 ? 131  LEU A O   1 
ATOM   275 C CB  . LEU A 1 32 ? -1.288 13.111  -10.879 1.00 15.29 ? 131  LEU A CB  1 
ATOM   276 C CG  . LEU A 1 32 ? -0.940 11.743  -11.411 1.00 16.01 ? 131  LEU A CG  1 
ATOM   277 C CD1 . LEU A 1 32 ? -1.985 10.713  -10.980 1.00 18.00 ? 131  LEU A CD1 1 
ATOM   278 C CD2 . LEU A 1 32 ? -0.821 11.752  -12.967 1.00 18.04 ? 131  LEU A CD2 1 
ATOM   279 N N   . LEU A 1 33 ? -0.941 15.803  -9.394  1.00 17.71 ? 132  LEU A N   1 
ATOM   280 C CA  . LEU A 1 33 ? -1.458 17.115  -9.074  1.00 20.21 ? 132  LEU A CA  1 
ATOM   281 C C   . LEU A 1 33 ? -0.508 18.197  -9.546  1.00 20.73 ? 132  LEU A C   1 
ATOM   282 O O   . LEU A 1 33 ? -0.911 19.188  -10.204 1.00 22.25 ? 132  LEU A O   1 
ATOM   283 C CB  . LEU A 1 33 ? -1.714 17.271  -7.591  1.00 21.49 ? 132  LEU A CB  1 
ATOM   284 C CG  . LEU A 1 33 ? -2.464 18.554  -7.319  1.00 26.27 ? 132  LEU A CG  1 
ATOM   285 C CD1 . LEU A 1 33 ? -3.856 18.461  -7.841  1.00 29.65 ? 132  LEU A CD1 1 
ATOM   286 C CD2 . LEU A 1 33 ? -2.474 18.742  -5.820  1.00 27.91 ? 132  LEU A CD2 1 
ATOM   287 N N   . ALA A 1 34 ? 0.754  17.978  -9.271  1.00 20.69 ? 133  ALA A N   1 
ATOM   288 C CA  . ALA A 1 34 ? 1.778  18.990  -9.624  1.00 20.22 ? 133  ALA A CA  1 
ATOM   289 C C   . ALA A 1 34 ? 1.889  19.117  -11.134 1.00 21.29 ? 133  ALA A C   1 
ATOM   290 O O   . ALA A 1 34 ? 2.086  20.252  -11.637 1.00 23.74 ? 133  ALA A O   1 
ATOM   291 C CB  . ALA A 1 34 ? 3.054  18.558  -9.016  1.00 20.84 ? 133  ALA A CB  1 
ATOM   292 N N   . GLU A 1 35 ? 1.841  18.014  -11.864 1.00 19.77 ? 134  GLU A N   1 
ATOM   293 C CA  . GLU A 1 35 ? 1.884  18.051  -13.335 1.00 19.51 ? 134  GLU A CA  1 
ATOM   294 C C   . GLU A 1 35 ? 0.690  18.794  -13.900 1.00 20.16 ? 134  GLU A C   1 
ATOM   295 O O   . GLU A 1 35 ? 0.814  19.637  -14.807 1.00 22.60 ? 134  GLU A O   1 
ATOM   296 C CB  . GLU A 1 35 ? 1.920  16.603  -13.903 1.00 19.08 ? 134  GLU A CB  1 
ATOM   297 C CG  . GLU A 1 35 ? 3.257  15.936  -13.571 1.00 21.40 ? 134  GLU A CG  1 
ATOM   298 C CD  . GLU A 1 35 ? 3.446  14.499  -13.720 1.00 23.89 ? 134  GLU A CD  1 
ATOM   299 O OE1 . GLU A 1 35 ? 2.460  13.802  -13.873 1.00 25.04 ? 134  GLU A OE1 1 
ATOM   300 O OE2 . GLU A 1 35 ? 4.727  14.314  -13.787 1.00 29.42 ? 134  GLU A OE2 1 
ATOM   301 N N   . LEU A 1 36 ? -0.493 18.562  -13.374 1.00 20.46 ? 135  LEU A N   1 
ATOM   302 C CA  . LEU A 1 36 ? -1.729 19.146  -13.901 1.00 21.48 ? 135  LEU A CA  1 
ATOM   303 C C   . LEU A 1 36 ? -1.821 20.611  -13.655 1.00 23.87 ? 135  LEU A C   1 
ATOM   304 O O   . LEU A 1 36 ? -2.454 21.337  -14.452 1.00 26.39 ? 135  LEU A O   1 
ATOM   305 C CB  . LEU A 1 36 ? -2.934 18.467  -13.262 1.00 20.88 ? 135  LEU A CB  1 
ATOM   306 C CG  . LEU A 1 36 ? -3.144 17.022  -13.731 1.00 20.83 ? 135  LEU A CG  1 
ATOM   307 C CD1 . LEU A 1 36 ? -4.086 16.292  -12.836 1.00 22.22 ? 135  LEU A CD1 1 
ATOM   308 C CD2 . LEU A 1 36 ? -3.642 16.909  -15.208 1.00 21.71 ? 135  LEU A CD2 1 
ATOM   309 N N   . GLU A 1 37 ? -1.171 21.056  -12.608 1.00 24.50 ? 136  GLU A N   1 
ATOM   310 C CA  . GLU A 1 37 ? -1.179 22.471  -12.238 1.00 27.46 ? 136  GLU A CA  1 
ATOM   311 C C   . GLU A 1 37 ? -0.242 23.238  -13.129 1.00 28.24 ? 136  GLU A C   1 
ATOM   312 O O   . GLU A 1 37 ? -0.128 24.441  -12.998 1.00 32.17 ? 136  GLU A O   1 
ATOM   313 C CB  . GLU A 1 37 ? -0.786 22.633  -10.768 1.00 27.76 ? 136  GLU A CB  1 
ATOM   314 C CG  . GLU A 1 37 ? -1.954 22.324  -9.830  1.00 31.40 ? 136  GLU A CG  1 
ATOM   315 C CD  . GLU A 1 37 ? -1.540 21.962  -8.418  1.00 36.61 ? 136  GLU A CD  1 
ATOM   316 O OE1 . GLU A 1 37 ? -0.350 22.080  -8.116  1.00 40.03 ? 136  GLU A OE1 1 
ATOM   317 O OE2 . GLU A 1 37 ? -2.402 21.470  -7.626  1.00 40.58 ? 136  GLU A OE2 1 
ATOM   318 N N   . GLN A 1 38 ? 0.442  22.558  -14.032 1.00 28.70 ? 137  GLN A N   1 
ATOM   319 C CA  . GLN A 1 38 ? 1.249  23.277  -15.034 1.00 30.57 ? 137  GLN A CA  1 
ATOM   320 C C   . GLN A 1 38 ? 0.490  23.580  -16.310 1.00 32.54 ? 137  GLN A C   1 
ATOM   321 O O   . GLN A 1 38 ? 1.098  24.103  -17.243 1.00 36.26 ? 137  GLN A O   1 
ATOM   322 C CB  . GLN A 1 38 ? 2.533  22.468  -15.353 1.00 29.22 ? 137  GLN A CB  1 
ATOM   323 C CG  . GLN A 1 38 ? 3.499  22.467  -14.210 1.00 30.92 ? 137  GLN A CG  1 
ATOM   324 C CD  . GLN A 1 38 ? 4.659  21.553  -14.351 1.00 30.78 ? 137  GLN A CD  1 
ATOM   325 O OE1 . GLN A 1 38 ? 4.586  20.537  -15.081 1.00 33.04 ? 137  GLN A OE1 1 
ATOM   326 N NE2 . GLN A 1 38 ? 5.778  21.903  -13.667 1.00 33.62 ? 137  GLN A NE2 1 
ATOM   327 N N   . LEU A 1 39 ? -0.816 23.331  -16.400 1.00 34.88 ? 138  LEU A N   1 
ATOM   328 C CA  . LEU A 1 39 ? -1.547 23.531  -17.687 1.00 36.53 ? 138  LEU A CA  1 
ATOM   329 C C   . LEU A 1 39 ? -1.419 24.944  -18.263 1.00 37.96 ? 138  LEU A C   1 
ATOM   330 O O   . LEU A 1 39 ? -1.592 25.142  -19.495 1.00 39.68 ? 138  LEU A O   1 
ATOM   331 C CB  . LEU A 1 39 ? -3.024 23.171  -17.549 1.00 36.93 ? 138  LEU A CB  1 
ATOM   332 C CG  . LEU A 1 39 ? -4.037 24.170  -17.009 1.00 37.14 ? 138  LEU A CG  1 
ATOM   333 C CD1 . LEU A 1 39 ? -5.451 23.530  -17.017 1.00 36.19 ? 138  LEU A CD1 1 
ATOM   334 C CD2 . LEU A 1 39 ? -3.634 24.643  -15.594 1.00 36.30 ? 138  LEU A CD2 1 
ATOM   335 O OXT . LEU A 1 39 ? -1.165 25.884  -17.501 1.00 38.53 ? 138  LEU A OXT 1 
HETATM 336 S S   . SO4 B 2 .  ? -4.884 -24.038 15.470  0.40 27.83 ? 1139 SO4 A S   1 
HETATM 337 O O1  . SO4 B 2 .  ? -4.723 -24.569 16.831  0.40 30.75 ? 1139 SO4 A O1  1 
HETATM 338 O O2  . SO4 B 2 .  ? -4.007 -24.765 14.553  0.40 28.71 ? 1139 SO4 A O2  1 
HETATM 339 O O3  . SO4 B 2 .  ? -4.539 -22.633 15.459  0.40 27.34 ? 1139 SO4 A O3  1 
HETATM 340 O O4  . SO4 B 2 .  ? -6.260 -24.257 15.045  0.40 30.12 ? 1139 SO4 A O4  1 
HETATM 341 O O   . HOH C 3 .  ? -4.761 -28.382 11.115  1.00 71.38 ? 2001 HOH A O   1 
HETATM 342 O O   . HOH C 3 .  ? 2.418  -15.941 12.075  1.00 48.03 ? 2002 HOH A O   1 
HETATM 343 O O   . HOH C 3 .  ? 0.944  -17.513 5.829   1.00 43.33 ? 2003 HOH A O   1 
HETATM 344 O O   . HOH C 3 .  ? -4.815 -13.975 7.815   1.00 38.18 ? 2004 HOH A O   1 
HETATM 345 O O   . HOH C 3 .  ? 5.120  -16.683 10.656  1.00 51.79 ? 2005 HOH A O   1 
HETATM 346 O O   . HOH C 3 .  ? 3.159  -4.365  10.188  1.00 55.27 ? 2006 HOH A O   1 
HETATM 347 O O   . HOH C 3 .  ? 3.096  -5.253  7.757   1.00 45.49 ? 2007 HOH A O   1 
HETATM 348 O O   . HOH C 3 .  ? 5.963  -8.218  5.366   1.00 51.37 ? 2008 HOH A O   1 
HETATM 349 O O   . HOH C 3 .  ? -2.080 -8.738  -1.301  1.00 38.75 ? 2009 HOH A O   1 
HETATM 350 O O   . HOH C 3 .  ? -3.082 -6.894  0.300   1.00 26.96 ? 2010 HOH A O   1 
HETATM 351 O O   . HOH C 3 .  ? 1.905  -3.826  -3.144  1.00 31.82 ? 2011 HOH A O   1 
HETATM 352 O O   . HOH C 3 .  ? 5.041  -6.002  0.533   1.00 48.72 ? 2012 HOH A O   1 
HETATM 353 O O   . HOH C 3 .  ? 5.413  -2.478  3.842   1.00 45.53 ? 2013 HOH A O   1 
HETATM 354 O O   . HOH C 3 .  ? 5.496  2.055   -1.841  1.00 32.16 ? 2014 HOH A O   1 
HETATM 355 O O   . HOH C 3 .  ? 5.670  0.655   2.494   1.00 42.56 ? 2015 HOH A O   1 
HETATM 356 O O   . HOH C 3 .  ? 3.243  6.500   5.272   1.00 55.01 ? 2016 HOH A O   1 
HETATM 357 O O   . HOH C 3 .  ? 3.184  8.117   0.232   1.00 28.31 ? 2017 HOH A O   1 
HETATM 358 O O   . HOH C 3 .  ? 5.060  12.345  -4.520  1.00 31.85 ? 2018 HOH A O   1 
HETATM 359 O O   . HOH C 3 .  ? -4.755 7.499   -2.813  1.00 23.51 ? 2019 HOH A O   1 
HETATM 360 O O   . HOH C 3 .  ? -2.921 14.910  -5.143  1.00 36.13 ? 2020 HOH A O   1 
HETATM 361 O O   . HOH C 3 .  ? 3.541  10.688  -0.585  1.00 41.72 ? 2021 HOH A O   1 
HETATM 362 O O   . HOH C 3 .  ? 1.492  18.035  -5.479  1.00 29.21 ? 2022 HOH A O   1 
HETATM 363 O O   . HOH C 3 .  ? 1.357  -16.528 15.375  1.00 48.46 ? 2023 HOH A O   1 
HETATM 364 O O   . HOH C 3 .  ? 4.360  16.861  -15.063 1.00 26.76 ? 2024 HOH A O   1 
HETATM 365 O O   . HOH C 3 .  ? 1.460  20.671  -6.415  1.00 41.77 ? 2025 HOH A O   1 
HETATM 366 O O   A HOH C 3 .  ? 6.131  18.811  -15.965 0.50 23.10 ? 2026 HOH A O   1 
HETATM 367 O O   . HOH C 3 .  ? 3.629  25.999  -16.474 1.00 49.77 ? 2027 HOH A O   1 
HETATM 368 O O   . HOH C 3 .  ? 4.919  24.900  -11.858 1.00 41.97 ? 2028 HOH A O   1 
HETATM 369 O O   . HOH C 3 .  ? 6.395  2.175   0.682   1.00 51.60 ? 2029 HOH A O   1 
HETATM 370 O O   . HOH C 3 .  ? 6.505  4.215   -3.676  1.00 42.26 ? 2030 HOH A O   1 
HETATM 371 O O   . HOH C 3 .  ? 5.426  7.181   1.495   1.00 46.54 ? 2031 HOH A O   1 
HETATM 372 O O   . HOH C 3 .  ? -0.087 26.393  -15.307 1.00 50.71 ? 2032 HOH A O   1 
HETATM 373 O O   . HOH C 3 .  ? 0.540  26.256  -20.458 1.00 53.97 ? 2033 HOH A O   1 
HETATM 374 O O   . HOH C 3 .  ? 5.265  15.752  -5.153  1.00 46.29 ? 2034 HOH A O   1 
HETATM 375 O O   . HOH C 3 .  ? 0.474  17.772  -3.175  1.00 43.17 ? 2035 HOH A O   1 
# 
loop_
_atom_site_anisotrop.id 
_atom_site_anisotrop.type_symbol 
_atom_site_anisotrop.pdbx_label_atom_id 
_atom_site_anisotrop.pdbx_label_alt_id 
_atom_site_anisotrop.pdbx_label_comp_id 
_atom_site_anisotrop.pdbx_label_asym_id 
_atom_site_anisotrop.pdbx_label_seq_id 
_atom_site_anisotrop.pdbx_PDB_ins_code 
_atom_site_anisotrop.U[1][1] 
_atom_site_anisotrop.U[2][2] 
_atom_site_anisotrop.U[3][3] 
_atom_site_anisotrop.U[1][2] 
_atom_site_anisotrop.U[1][3] 
_atom_site_anisotrop.U[2][3] 
_atom_site_anisotrop.pdbx_auth_seq_id 
_atom_site_anisotrop.pdbx_auth_comp_id 
_atom_site_anisotrop.pdbx_auth_asym_id 
_atom_site_anisotrop.pdbx_auth_atom_id 
1   N N   . GLY A 1  ? 0.5191 0.4605 0.4938 0.0137  -0.0027 0.0045  100  GLY A N   
2   C CA  . GLY A 1  ? 0.5087 0.4829 0.4810 0.0131  0.0062  0.0096  100  GLY A CA  
3   C C   . GLY A 1  ? 0.5202 0.4780 0.4789 0.0124  0.0097  0.0114  100  GLY A C   
4   O O   . GLY A 1  ? 0.5238 0.4667 0.4539 0.0391  0.0018  0.0211  100  GLY A O   
5   N N   . SER A 2  ? 0.5219 0.4848 0.4882 0.0142  0.0099  0.0120  101  SER A N   
6   C CA  . SER A 2  ? 0.5161 0.4895 0.4868 0.0037  0.0102  0.0067  101  SER A CA  
7   C C   . SER A 2  ? 0.5110 0.4728 0.4773 0.0021  0.0145  0.0102  101  SER A C   
8   O O   . SER A 2  ? 0.5400 0.4761 0.4680 0.0013  0.0323  0.0174  101  SER A O   
9   C CB  . SER A 2  ? 0.5252 0.5024 0.5030 0.0029  0.0131  0.0029  101  SER A CB  
10  O OG  . SER A 2  ? 0.5670 0.5281 0.5582 -0.0199 0.0222  0.0065  101  SER A OG  
11  N N   . ASN A 3  ? 0.5077 0.4609 0.4572 0.0042  0.0074  0.0157  102  ASN A N   
12  C CA  . ASN A 3  ? 0.5015 0.4541 0.4578 0.0044  0.0042  0.0097  102  ASN A CA  
13  C C   . ASN A 3  ? 0.4977 0.4272 0.4240 0.0024  0.0124  0.0266  102  ASN A C   
14  O O   . ASN A 3  ? 0.5106 0.3663 0.3761 0.0110  0.0415  0.0511  102  ASN A O   
15  C CB  . ASN A 3  ? 0.4988 0.4626 0.4578 0.0037  0.0083  0.0135  102  ASN A CB  
16  C CG  . ASN A 3  ? 0.5410 0.4977 0.4829 0.0005  -0.0074 0.0011  102  ASN A CG  
17  O OD1 . ASN A 3  ? 0.5915 0.5180 0.5201 0.0023  -0.0017 0.0141  102  ASN A OD1 
18  N ND2 . ASN A 3  ? 0.5893 0.5393 0.4749 -0.0010 -0.0025 0.0074  102  ASN A ND2 
19  N N   . GLU A 4  ? 0.4786 0.4144 0.3952 0.0024  0.0169  0.0236  103  GLU A N   
20  C CA  . GLU A 4  ? 0.4608 0.4093 0.4002 0.0089  0.0063  0.0281  103  GLU A CA  
21  C C   . GLU A 4  ? 0.4634 0.3757 0.3953 0.0108  0.0103  0.0476  103  GLU A C   
22  O O   . GLU A 4  ? 0.5058 0.3208 0.3577 0.0450  0.0449  0.1087  103  GLU A O   
23  C CB  . GLU A 4  ? 0.4672 0.4204 0.3938 0.0066  0.0018  0.0155  103  GLU A CB  
24  C CG  . GLU A 4  ? 0.4817 0.4871 0.3840 0.0522  -0.0373 0.0199  103  GLU A CG  
25  C CD  . GLU A 4  ? 0.4829 0.5233 0.4665 0.0030  -0.0265 0.0106  103  GLU A CD  
26  O OE1 . GLU A 4  ? 0.4766 0.5636 0.4228 -0.0112 -0.0009 0.0433  103  GLU A OE1 
27  O OE2 . GLU A 4  ? 0.4890 0.5574 0.5047 0.0249  -0.0746 0.0035  103  GLU A OE2 
28  N N   . LYS A 5  ? 0.4562 0.4023 0.4164 0.0157  0.0145  0.0233  104  LYS A N   
29  C CA  . LYS A 5  ? 0.4521 0.4094 0.4164 0.0060  0.0085  0.0203  104  LYS A CA  
30  C C   . LYS A 5  ? 0.4645 0.3882 0.4052 0.0077  0.0059  0.0240  104  LYS A C   
31  O O   . LYS A 5  ? 0.4765 0.3861 0.3856 0.0000  0.0233  0.0246  104  LYS A O   
32  C CB  . LYS A 5  ? 0.4601 0.4276 0.4354 0.0126  0.0022  0.0181  104  LYS A CB  
33  C CG  . LYS A 5  ? 0.4748 0.4697 0.4594 0.0004  0.0064  0.0259  104  LYS A CG  
34  C CD  . LYS A 5  ? 0.5155 0.4945 0.5210 0.0195  -0.0021 0.0132  104  LYS A CD  
35  C CE  . LYS A 5  ? 0.5442 0.5564 0.5445 -0.0046 0.0073  0.0039  104  LYS A CE  
36  N NZ  . LYS A 5  ? 0.5904 0.5614 0.5990 -0.0061 -0.0103 -0.0128 104  LYS A NZ  
37  N N   . VAL A 6  ? 0.4663 0.3759 0.4070 0.0127  0.0100  0.0256  105  VAL A N   
38  C CA  . VAL A 6  ? 0.4647 0.3846 0.4101 0.0098  0.0173  0.0217  105  VAL A CA  
39  C C   . VAL A 6  ? 0.4438 0.3597 0.3966 0.0131  0.0364  0.0387  105  VAL A C   
40  O O   . VAL A 6  ? 0.4923 0.3214 0.4165 0.0221  0.0672  0.0642  105  VAL A O   
41  C CB  . VAL A 6  ? 0.4751 0.4235 0.4244 0.0051  0.0078  0.0079  105  VAL A CB  
42  C CG1 . VAL A 6  ? 0.4936 0.4765 0.4710 0.0084  0.0152  0.0150  105  VAL A CG1 
43  C CG2 . VAL A 6  ? 0.4923 0.4164 0.4088 0.0123  0.0164  0.0132  105  VAL A CG2 
44  N N   . GLU A 7  ? 0.4243 0.3252 0.3815 0.0165  0.0379  0.0445  106  GLU A N   
45  C CA  . GLU A 7  ? 0.3863 0.3139 0.3380 0.0101  0.0282  0.0395  106  GLU A CA  
46  C C   . GLU A 7  ? 0.3772 0.2797 0.2863 0.0066  0.0251  0.0451  106  GLU A C   
47  O O   . GLU A 7  ? 0.3986 0.2484 0.2426 0.0291  0.0475  0.0667  106  GLU A O   
48  C CB  . GLU A 7  ? 0.4084 0.3525 0.3904 0.0001  0.0417  0.0406  106  GLU A CB  
49  C CG  . GLU A 7  ? 0.4174 0.3717 0.3637 0.0152  0.0500  0.0603  106  GLU A CG  
50  C CD  . GLU A 7  ? 0.4662 0.4209 0.2996 0.0067  0.0155  0.0400  106  GLU A CD  
51  O OE1 . GLU A 7  ? 0.5104 0.5251 0.3095 -0.0281 0.0283  0.0401  106  GLU A OE1 
52  O OE2 . GLU A 7  ? 0.4368 0.3846 0.3071 0.0208  -0.0123 0.0060  106  GLU A OE2 
53  N N   . LEU A 8  ? 0.3559 0.2547 0.2558 0.0247  0.0253  0.0817  107  LEU A N   
54  C CA  . LEU A 8  ? 0.3224 0.2867 0.2404 0.0240  0.0050  0.0527  107  LEU A CA  
55  C C   . LEU A 8  ? 0.3182 0.2601 0.2358 0.0439  0.0242  0.0656  107  LEU A C   
56  O O   . LEU A 8  ? 0.3560 0.2821 0.2348 0.0672  0.0357  0.0932  107  LEU A O   
57  C CB  . LEU A 8  ? 0.3248 0.3292 0.2525 0.0349  0.0000  0.0616  107  LEU A CB  
58  C CG  . LEU A 8  ? 0.3523 0.3877 0.2298 0.0125  0.0063  0.0606  107  LEU A CG  
59  C CD1 . LEU A 8  ? 0.4058 0.4185 0.2586 0.0092  -0.0195 0.0529  107  LEU A CD1 
60  C CD2 . LEU A 8  ? 0.3392 0.4011 0.2516 0.0175  0.0494  0.0064  107  LEU A CD2 
61  N N   . GLN A 9  ? 0.3266 0.2508 0.2513 0.0602  0.0292  0.0786  108  GLN A N   
62  C CA  . GLN A 9  ? 0.3136 0.2782 0.2692 0.0545  0.0277  0.0565  108  GLN A CA  
63  C C   . GLN A 9  ? 0.3309 0.2592 0.2561 0.0546  0.0268  0.0619  108  GLN A C   
64  O O   . GLN A 9  ? 0.3507 0.2655 0.2438 0.0878  0.0598  0.0817  108  GLN A O   
65  C CB  . GLN A 9  ? 0.3447 0.2944 0.2804 0.0603  0.0181  0.0638  108  GLN A CB  
66  C CG  . GLN A 9  ? 0.3748 0.3479 0.3629 0.0533  0.0368  0.0672  108  GLN A CG  
67  C CD  . GLN A 9  ? 0.4327 0.4513 0.4205 0.0120  0.0196  0.0466  108  GLN A CD  
68  O OE1 . GLN A 9  ? 0.5029 0.5531 0.4750 0.0143  -0.0037 0.0736  108  GLN A OE1 
69  N NE2 . GLN A 9  ? 0.5213 0.5029 0.4716 0.0065  0.0660  0.0780  108  GLN A NE2 
70  N N   . GLU A 10 ? 0.3447 0.2404 0.2296 0.0417  0.0355  0.0529  109  GLU A N   
71  C CA  . GLU A 10 ? 0.3302 0.2758 0.2445 0.0352  0.0269  0.0289  109  GLU A CA  
72  C C   . GLU A 10 ? 0.3215 0.2513 0.2153 0.0364  0.0368  0.0473  109  GLU A C   
73  O O   . GLU A 10 ? 0.3580 0.2703 0.1922 0.0408  0.0488  0.0760  109  GLU A O   
74  C CB  . GLU A 10 ? 0.3727 0.3069 0.2974 0.0227  0.0333  0.0241  109  GLU A CB  
75  C CG  . GLU A 10 ? 0.4047 0.3456 0.3634 0.0330  0.0086  0.0049  109  GLU A CG  
76  C CD  . GLU A 10 ? 0.4833 0.4594 0.4993 -0.0177 0.0079  -0.0029 109  GLU A CD  
77  O OE1 . GLU A 10 ? 0.5704 0.5434 0.5354 0.0052  0.0097  0.0333  109  GLU A OE1 
78  O OE2 . GLU A 10 ? 0.6005 0.5662 0.5230 0.0040  0.0079  -0.0442 109  GLU A OE2 
79  N N   . LEU A 11 ? 0.3114 0.2252 0.1942 0.0261  0.0321  0.0623  110  LEU A N   
80  C CA  . LEU A 11 ? 0.2779 0.2384 0.1840 0.0228  0.0126  0.0400  110  LEU A CA  
81  C C   . LEU A 11 ? 0.2707 0.2323 0.1794 0.0323  0.0079  0.0453  110  LEU A C   
82  O O   . LEU A 11 ? 0.3039 0.2323 0.1902 0.0395  0.0115  0.0819  110  LEU A O   
83  C CB  . LEU A 11 ? 0.2978 0.2396 0.1664 0.0139  0.0118  0.0446  110  LEU A CB  
84  C CG  . LEU A 11 ? 0.2902 0.2406 0.1888 0.0090  0.0086  0.0507  110  LEU A CG  
85  C CD1 . LEU A 11 ? 0.3110 0.2640 0.2245 0.0402  0.0038  0.0529  110  LEU A CD1 
86  C CD2 . LEU A 11 ? 0.2868 0.2649 0.2161 0.0153  0.0344  0.0484  110  LEU A CD2 
87  N N   . ASN A 12 ? 0.2830 0.2467 0.1950 0.0272  -0.0039 0.0659  111  ASN A N   
88  C CA  . ASN A 12 ? 0.2749 0.2713 0.2332 0.0259  0.0019  0.0560  111  ASN A CA  
89  C C   . ASN A 12 ? 0.2907 0.2605 0.2261 0.0270  0.0090  0.0614  111  ASN A C   
90  O O   . ASN A 12 ? 0.3119 0.2586 0.2664 0.0272  0.0100  0.0942  111  ASN A O   
91  C CB  . ASN A 12 ? 0.2917 0.2805 0.2768 0.0150  -0.0030 0.0895  111  ASN A CB  
92  C CG  . ASN A 12 ? 0.3093 0.3390 0.3271 0.0189  -0.0220 0.0669  111  ASN A CG  
93  O OD1 . ASN A 12 ? 0.3540 0.4697 0.4548 0.0378  0.0476  0.0763  111  ASN A OD1 
94  N ND2 . ASN A 12 ? 0.3798 0.3902 0.2991 -0.0220 0.0176  0.0425  111  ASN A ND2 
95  N N   . ASP A 13 ? 0.2894 0.2544 0.2326 0.0348  0.0308  0.0610  112  ASP A N   
96  C CA  . ASP A 13 ? 0.2986 0.2773 0.2428 0.0313  0.0269  0.0535  112  ASP A CA  
97  C C   . ASP A 13 ? 0.2930 0.2704 0.2376 0.0319  0.0229  0.0663  112  ASP A C   
98  O O   . ASP A 13 ? 0.3312 0.2967 0.2378 0.0269  0.0509  0.0916  112  ASP A O   
99  C CB  . ASP A 13 ? 0.3169 0.3037 0.2460 0.0296  0.0558  0.0592  112  ASP A CB  
100 C CG  . ASP A 13 ? 0.3612 0.3468 0.3113 0.0467  0.0455  0.0833  112  ASP A CG  
101 O OD1 . ASP A 13 ? 0.3549 0.3947 0.4122 0.0497  -0.0092 0.1178  112  ASP A OD1 
102 O OD2 . ASP A 13 ? 0.5009 0.3836 0.3689 0.1168  0.1234  0.1152  112  ASP A OD2 
103 N N   . ARG A 14 ? 0.2907 0.2589 0.2135 0.0311  0.0256  0.0708  113  ARG A N   
104 C CA  . ARG A 14 ? 0.2851 0.2563 0.2181 0.0226  0.0023  0.0407  113  ARG A CA  
105 C C   . ARG A 14 ? 0.2825 0.2425 0.2095 0.0196  0.0082  0.0540  113  ARG A C   
106 O O   . ARG A 14 ? 0.3192 0.2535 0.2019 0.0257  0.0106  0.0898  113  ARG A O   
107 C CB  A ARG A 14 ? 0.2910 0.2584 0.2188 0.0157  -0.0091 0.0502  113  ARG A CB  
108 C CB  B ARG A 14 ? 0.2923 0.2642 0.2200 0.0168  -0.0084 0.0517  113  ARG A CB  
109 C CG  A ARG A 14 ? 0.3216 0.2763 0.2248 0.0091  0.0064  0.0320  113  ARG A CG  
110 C CG  B ARG A 14 ? 0.3513 0.2943 0.2351 0.0163  0.0005  0.0317  113  ARG A CG  
111 C CD  A ARG A 14 ? 0.3636 0.3509 0.2581 0.0002  0.0092  0.0035  113  ARG A CD  
112 C CD  B ARG A 14 ? 0.3669 0.3952 0.3269 0.0121  -0.0139 0.0279  113  ARG A CD  
113 N NE  A ARG A 14 ? 0.4270 0.3796 0.3546 -0.0211 0.0078  0.0060  113  ARG A NE  
114 N NE  B ARG A 14 ? 0.4683 0.4360 0.4551 0.0134  -0.0113 -0.0178 113  ARG A NE  
115 C CZ  A ARG A 14 ? 0.4680 0.4526 0.4092 -0.0161 -0.0194 -0.0070 113  ARG A CZ  
116 C CZ  B ARG A 14 ? 0.5176 0.4847 0.5028 -0.0057 -0.0035 0.0129  113  ARG A CZ  
117 N NH1 A ARG A 14 ? 0.4991 0.4740 0.4436 -0.0044 -0.0183 0.0109  113  ARG A NH1 
118 N NH1 B ARG A 14 ? 0.5489 0.5268 0.5212 -0.0016 0.0063  0.0115  113  ARG A NH1 
119 N NH2 A ARG A 14 ? 0.4915 0.4456 0.4545 -0.0079 0.0039  -0.0056 113  ARG A NH2 
120 N NH2 B ARG A 14 ? 0.5385 0.5086 0.5396 -0.0011 -0.0034 -0.0082 113  ARG A NH2 
121 N N   . PHE A 15 ? 0.2756 0.2101 0.2105 0.0195  0.0151  0.0632  114  PHE A N   
122 C CA  . PHE A 15 ? 0.2518 0.2388 0.2098 0.0173  0.0228  0.0381  114  PHE A CA  
123 C C   . PHE A 15 ? 0.2556 0.2271 0.2345 0.0165  0.0156  0.0540  114  PHE A C   
124 O O   . PHE A 15 ? 0.2929 0.2337 0.2514 0.0222  0.0146  0.0984  114  PHE A O   
125 C CB  . PHE A 15 ? 0.2703 0.2492 0.2079 0.0095  0.0262  0.0432  114  PHE A CB  
126 C CG  . PHE A 15 ? 0.3197 0.2675 0.1799 -0.0025 0.0059  0.0605  114  PHE A CG  
127 C CD1 . PHE A 15 ? 0.3554 0.2638 0.2047 0.0238  -0.0108 0.0288  114  PHE A CD1 
128 C CD2 . PHE A 15 ? 0.3278 0.2613 0.1769 0.0142  -0.0005 0.0627  114  PHE A CD2 
129 C CE1 . PHE A 15 ? 0.3808 0.2473 0.2197 0.0188  0.0182  0.0480  114  PHE A CE1 
130 C CE2 . PHE A 15 ? 0.3809 0.2613 0.2529 -0.0055 0.0042  0.0504  114  PHE A CE2 
131 C CZ  . PHE A 15 ? 0.3870 0.2916 0.2171 0.0137  0.0114  0.0223  114  PHE A CZ  
132 N N   . ALA A 16 ? 0.2555 0.2552 0.2596 0.0212  0.0111  0.0758  115  ALA A N   
133 C CA  . ALA A 16 ? 0.2633 0.2803 0.2761 0.0178  0.0093  0.0519  115  ALA A CA  
134 C C   . ALA A 16 ? 0.2752 0.2634 0.2821 0.0298  0.0222  0.0734  115  ALA A C   
135 O O   . ALA A 16 ? 0.2851 0.2966 0.3292 0.0261  0.0619  0.1031  115  ALA A O   
136 C CB  . ALA A 16 ? 0.2661 0.3105 0.3025 0.0253  0.0162  0.0546  115  ALA A CB  
137 N N   . ASN A 17 ? 0.2799 0.2850 0.2590 0.0273  0.0418  0.0630  116  ASN A N   
138 C CA  . ASN A 17 ? 0.2955 0.2911 0.2525 0.0237  0.0409  0.0478  116  ASN A CA  
139 C C   . ASN A 17 ? 0.2779 0.2653 0.2295 0.0183  0.0425  0.0694  116  ASN A C   
140 O O   . ASN A 17 ? 0.3355 0.2722 0.2316 0.0370  0.0693  0.1081  116  ASN A O   
141 C CB  . ASN A 17 ? 0.3137 0.3198 0.2741 0.0334  0.0386  0.0344  116  ASN A CB  
142 C CG  . ASN A 17 ? 0.3966 0.3466 0.3075 0.0457  0.0387  0.0540  116  ASN A CG  
143 O OD1 . ASN A 17 ? 0.4044 0.4574 0.4424 0.0881  0.0512  0.0314  116  ASN A OD1 
144 N ND2 . ASN A 17 ? 0.5027 0.3658 0.3798 0.0147  0.0272  0.0268  116  ASN A ND2 
145 N N   . TYR A 18 ? 0.2728 0.2240 0.2177 0.0282  0.0440  0.0696  117  TYR A N   
146 C CA  . TYR A 18 ? 0.2392 0.2264 0.1934 0.0104  0.0166  0.0631  117  TYR A CA  
147 C C   . TYR A 18 ? 0.2472 0.2345 0.2005 0.0104  0.0196  0.0645  117  TYR A C   
148 O O   . TYR A 18 ? 0.2653 0.2457 0.2100 0.0218  0.0244  0.1023  117  TYR A O   
149 C CB  . TYR A 18 ? 0.2438 0.2350 0.1959 -0.0004 0.0285  0.0692  117  TYR A CB  
150 C CG  . TYR A 18 ? 0.2426 0.2340 0.1701 0.0080  0.0296  0.0625  117  TYR A CG  
151 C CD1 . TYR A 18 ? 0.2430 0.2393 0.1581 -0.0179 0.0193  0.0745  117  TYR A CD1 
152 C CD2 . TYR A 18 ? 0.2622 0.2085 0.2157 0.0023  0.0197  0.0597  117  TYR A CD2 
153 C CE1 . TYR A 18 ? 0.2357 0.2130 0.1878 -0.0066 0.0218  0.0668  117  TYR A CE1 
154 C CE2 . TYR A 18 ? 0.2649 0.2393 0.1850 0.0184  -0.0302 0.0454  117  TYR A CE2 
155 C CZ  . TYR A 18 ? 0.2451 0.2166 0.1717 -0.0215 0.0373  0.0522  117  TYR A CZ  
156 O OH  . TYR A 18 ? 0.2576 0.2437 0.2291 0.0066  0.0005  0.0758  117  TYR A OH  
157 N N   . ILE A 19 ? 0.2629 0.2372 0.1982 0.0076  0.0156  0.0762  118  ILE A N   
158 C CA  . ILE A 19 ? 0.2604 0.2651 0.1915 0.0027  0.0267  0.0491  118  ILE A CA  
159 C C   . ILE A 19 ? 0.2645 0.2545 0.2120 0.0021  0.0311  0.0605  118  ILE A C   
160 O O   . ILE A 19 ? 0.2810 0.2371 0.2124 0.0023  0.0253  0.0807  118  ILE A O   
161 C CB  . ILE A 19 ? 0.2726 0.2741 0.2154 -0.0060 0.0187  0.0605  118  ILE A CB  
162 C CG1 . ILE A 19 ? 0.3238 0.3129 0.2418 -0.0113 -0.0026 0.0425  118  ILE A CG1 
163 C CG2 . ILE A 19 ? 0.2906 0.2810 0.2283 -0.0072 0.0061  0.0537  118  ILE A CG2 
164 C CD1 . ILE A 19 ? 0.3595 0.3345 0.2736 0.0057  0.0169  0.0304  118  ILE A CD1 
165 N N   . ASP A 20 ? 0.2660 0.2704 0.2105 0.0061  0.0413  0.0742  119  ASP A N   
166 C CA  . ASP A 20 ? 0.2526 0.2758 0.2255 0.0084  0.0260  0.0698  119  ASP A CA  
167 C C   . ASP A 20 ? 0.2582 0.2775 0.2158 0.0049  0.0222  0.0706  119  ASP A C   
168 O O   . ASP A 20 ? 0.2671 0.2873 0.2428 -0.0031 0.0356  0.1145  119  ASP A O   
169 C CB  . ASP A 20 ? 0.2611 0.3017 0.2255 0.0025  0.0562  0.0687  119  ASP A CB  
170 C CG  . ASP A 20 ? 0.3306 0.3537 0.3052 0.0205  0.0338  0.0930  119  ASP A CG  
171 O OD1 . ASP A 20 ? 0.3860 0.4262 0.3573 0.0222  -0.0600 0.1110  119  ASP A OD1 
172 O OD2 . ASP A 20 ? 0.3914 0.3967 0.4074 0.0756  0.0304  0.1125  119  ASP A OD2 
173 N N   . LYS A 21 ? 0.2559 0.2461 0.2128 0.0139  0.0213  0.0788  120  LYS A N   
174 C CA  . LYS A 21 ? 0.2532 0.2531 0.1902 0.0089  0.0306  0.0510  120  LYS A CA  
175 C C   . LYS A 21 ? 0.2470 0.2478 0.2138 0.0083  0.0287  0.0564  120  LYS A C   
176 O O   . LYS A 21 ? 0.2701 0.2475 0.1989 0.0030  0.0305  0.0807  120  LYS A O   
177 C CB  . LYS A 21 ? 0.2856 0.2729 0.2324 0.0163  0.0137  0.0307  120  LYS A CB  
178 C CG  . LYS A 21 ? 0.3147 0.3294 0.2878 0.0121  -0.0014 0.0448  120  LYS A CG  
179 C CD  . LYS A 21 ? 0.4091 0.3880 0.4002 0.0012  -0.0299 -0.0004 120  LYS A CD  
180 C CE  . LYS A 21 ? 0.4617 0.4673 0.4080 -0.0026 -0.0263 -0.0083 120  LYS A CE  
181 N NZ  . LYS A 21 ? 0.4929 0.4402 0.4683 -0.0050 -0.0294 0.0110  120  LYS A NZ  
182 N N   . VAL A 22 ? 0.2479 0.2215 0.1767 -0.0028 0.0269  0.0672  121  VAL A N   
183 C CA  . VAL A 22 ? 0.2418 0.2307 0.1818 0.0003  0.0153  0.0513  121  VAL A CA  
184 C C   . VAL A 22 ? 0.2398 0.2295 0.1825 -0.0063 0.0178  0.0492  121  VAL A C   
185 O O   . VAL A 22 ? 0.2517 0.2241 0.1871 -0.0088 0.0246  0.0784  121  VAL A O   
186 C CB  . VAL A 22 ? 0.2546 0.2249 0.1791 0.0158  0.0251  0.0555  121  VAL A CB  
187 C CG1 . VAL A 22 ? 0.2588 0.2610 0.1728 0.0135  0.0197  0.0741  121  VAL A CG1 
188 C CG2 . VAL A 22 ? 0.2724 0.2430 0.2010 -0.0037 0.0138  0.0822  121  VAL A CG2 
189 N N   . ARG A 23 ? 0.2502 0.2398 0.1764 -0.0117 0.0170  0.0648  122  ARG A N   
190 C CA  . ARG A 23 ? 0.2539 0.2562 0.1892 -0.0117 0.0060  0.0504  122  ARG A CA  
191 C C   . ARG A 23 ? 0.2660 0.2487 0.1977 -0.0177 0.0081  0.0595  122  ARG A C   
192 O O   . ARG A 23 ? 0.2763 0.2466 0.1946 -0.0335 0.0162  0.0700  122  ARG A O   
193 C CB  . ARG A 23 ? 0.2683 0.2723 0.2354 -0.0192 -0.0012 0.0548  122  ARG A CB  
194 C CG  . ARG A 23 ? 0.3149 0.3288 0.2560 -0.0337 0.0347  0.0625  122  ARG A CG  
195 C CD  . ARG A 23 ? 0.3431 0.4044 0.3362 -0.0211 -0.0121 0.0288  122  ARG A CD  
196 N NE  . ARG A 23 ? 0.4533 0.4703 0.3419 -0.0357 -0.0057 0.0598  122  ARG A NE  
197 C CZ  . ARG A 23 ? 0.4830 0.4942 0.4333 0.0037  -0.0162 0.0429  122  ARG A CZ  
198 N NH1 . ARG A 23 ? 0.4914 0.4882 0.4546 -0.0133 -0.0334 0.0240  122  ARG A NH1 
199 N NH2 . ARG A 23 ? 0.5035 0.5192 0.4057 -0.0228 -0.0093 0.0590  122  ARG A NH2 
200 N N   . PHE A 24 ? 0.2508 0.2458 0.1832 -0.0094 0.0266  0.0713  123  PHE A N   
201 C CA  . PHE A 24 ? 0.2216 0.2506 0.1905 -0.0074 0.0176  0.0568  123  PHE A CA  
202 C C   . PHE A 24 ? 0.2299 0.2308 0.1992 -0.0071 0.0140  0.0529  123  PHE A C   
203 O O   . PHE A 24 ? 0.2606 0.2522 0.1889 -0.0229 0.0356  0.0761  123  PHE A O   
204 C CB  . PHE A 24 ? 0.2301 0.2609 0.1964 -0.0001 0.0205  0.0711  123  PHE A CB  
205 C CG  . PHE A 24 ? 0.2549 0.2577 0.2043 0.0176  0.0376  0.0436  123  PHE A CG  
206 C CD1 . PHE A 24 ? 0.2817 0.3586 0.2124 -0.0192 0.0267  0.0191  123  PHE A CD1 
207 C CD2 . PHE A 24 ? 0.2854 0.3209 0.2130 0.0004  0.0296  0.0536  123  PHE A CD2 
208 C CE1 . PHE A 24 ? 0.3129 0.3249 0.2346 0.0041  0.0502  0.0118  123  PHE A CE1 
209 C CE2 . PHE A 24 ? 0.3419 0.3511 0.2399 0.0247  0.0159  0.0303  123  PHE A CE2 
210 C CZ  . PHE A 24 ? 0.3572 0.2801 0.2157 0.0242  0.0270  0.0235  123  PHE A CZ  
211 N N   . LEU A 25 ? 0.2239 0.2417 0.1762 -0.0102 0.0210  0.0686  124  LEU A N   
212 C CA  . LEU A 25 ? 0.2287 0.2299 0.1587 -0.0138 0.0158  0.0541  124  LEU A CA  
213 C C   . LEU A 25 ? 0.2296 0.2282 0.1743 -0.0113 0.0186  0.0554  124  LEU A C   
214 O O   . LEU A 25 ? 0.2525 0.2218 0.1858 -0.0145 0.0236  0.0925  124  LEU A O   
215 C CB  . LEU A 25 ? 0.2390 0.2321 0.1676 -0.0078 0.0161  0.0540  124  LEU A CB  
216 C CG  . LEU A 25 ? 0.2562 0.2126 0.2054 -0.0128 0.0075  0.0505  124  LEU A CG  
217 C CD1 . LEU A 25 ? 0.2620 0.2495 0.2906 -0.0021 0.0008  0.0501  124  LEU A CD1 
218 C CD2 . LEU A 25 ? 0.3081 0.2483 0.1897 -0.0119 0.0056  0.0370  124  LEU A CD2 
219 N N   . GLU A 26 ? 0.2461 0.2285 0.1667 -0.0182 0.0175  0.0700  125  GLU A N   
220 C CA  . GLU A 26 ? 0.2556 0.2544 0.1802 -0.0116 0.0224  0.0453  125  GLU A CA  
221 C C   . GLU A 26 ? 0.2722 0.2304 0.2018 -0.0225 0.0155  0.0565  125  GLU A C   
222 O O   . GLU A 26 ? 0.3109 0.2369 0.2079 -0.0287 -0.0005 0.0638  125  GLU A O   
223 C CB  . GLU A 26 ? 0.2837 0.2703 0.1760 -0.0095 0.0125  0.0461  125  GLU A CB  
224 C CG  . GLU A 26 ? 0.3560 0.2916 0.2052 0.0069  0.0021  0.0461  125  GLU A CG  
225 C CD  . GLU A 26 ? 0.4534 0.3443 0.2286 0.0451  0.0141  0.0328  125  GLU A CD  
226 O OE1 . GLU A 26 ? 0.4523 0.4603 0.2528 0.1074  -0.0036 0.0466  125  GLU A OE1 
227 O OE2 . GLU A 26 ? 0.6474 0.3517 0.2746 0.0549  0.0567  0.0606  125  GLU A OE2 
228 N N   . GLN A 27 ? 0.2626 0.2494 0.1936 -0.0293 0.0227  0.0682  126  GLN A N   
229 C CA  . GLN A 27 ? 0.2686 0.2533 0.2080 -0.0302 0.0015  0.0577  126  GLN A CA  
230 C C   . GLN A 27 ? 0.2581 0.2371 0.2043 -0.0193 -0.0076 0.0555  126  GLN A C   
231 O O   . GLN A 27 ? 0.2847 0.2472 0.2110 -0.0546 0.0025  0.0818  126  GLN A O   
232 C CB  . GLN A 27 ? 0.2867 0.3073 0.2204 -0.0314 0.0014  0.0463  126  GLN A CB  
233 C CG  . GLN A 27 ? 0.3540 0.3878 0.3324 -0.0435 0.0128  0.0583  126  GLN A CG  
234 C CD  . GLN A 27 ? 0.3775 0.4713 0.3653 -0.0683 0.0046  0.0656  126  GLN A CD  
235 O OE1 . GLN A 27 ? 0.5077 0.5596 0.3631 -0.0451 -0.0418 -0.0025 126  GLN A OE1 
236 N NE2 . GLN A 27 ? 0.3896 0.5751 0.4238 -0.1882 0.0096  0.1451  126  GLN A NE2 
237 N N   . GLN A 28 ? 0.2457 0.2320 0.1737 -0.0232 0.0075  0.0668  127  GLN A N   
238 C CA  . GLN A 28 ? 0.2292 0.2430 0.1847 -0.0250 0.0101  0.0503  127  GLN A CA  
239 C C   . GLN A 28 ? 0.2266 0.2198 0.1833 -0.0286 0.0110  0.0522  127  GLN A C   
240 O O   . GLN A 28 ? 0.2772 0.2042 0.1910 -0.0303 0.0195  0.0829  127  GLN A O   
241 C CB  . GLN A 28 ? 0.2510 0.2548 0.1935 -0.0288 0.0244  0.0550  127  GLN A CB  
242 C CG  . GLN A 28 ? 0.3137 0.3139 0.2377 -0.0123 0.0052  0.0571  127  GLN A CG  
243 C CD  . GLN A 28 ? 0.2884 0.2836 0.2297 -0.0261 0.0586  0.0807  127  GLN A CD  
244 O OE1 . GLN A 28 ? 0.3989 0.4212 0.2720 0.0177  0.0070  0.0443  127  GLN A OE1 
245 N NE2 . GLN A 28 ? 0.2822 0.2048 0.2118 0.0183  0.0706  0.0824  127  GLN A NE2 
246 N N   . ASN A 29 ? 0.2370 0.2011 0.1651 -0.0246 0.0285  0.0568  128  ASN A N   
247 C CA  . ASN A 29 ? 0.2369 0.2073 0.1711 -0.0284 0.0080  0.0475  128  ASN A CA  
248 C C   . ASN A 29 ? 0.2376 0.2135 0.1942 -0.0182 0.0077  0.0452  128  ASN A C   
249 O O   . ASN A 29 ? 0.2897 0.1970 0.2069 -0.0230 0.0170  0.0675  128  ASN A O   
250 C CB  . ASN A 29 ? 0.2306 0.2161 0.1820 -0.0168 0.0110  0.0508  128  ASN A CB  
251 C CG  . ASN A 29 ? 0.2451 0.2452 0.1862 -0.0227 -0.0016 0.0379  128  ASN A CG  
252 O OD1 . ASN A 29 ? 0.3191 0.3190 0.1965 -0.0248 0.0537  0.0673  128  ASN A OD1 
253 N ND2 . ASN A 29 ? 0.2362 0.1771 0.1762 -0.0431 -0.0036 0.0806  128  ASN A ND2 
254 N N   . LYS A 30 ? 0.2640 0.2128 0.1891 -0.0310 0.0054  0.0548  129  LYS A N   
255 C CA  . LYS A 30 ? 0.2665 0.2250 0.2191 -0.0304 0.0138  0.0288  129  LYS A CA  
256 C C   . LYS A 30 ? 0.2801 0.2251 0.2211 -0.0265 0.0130  0.0483  129  LYS A C   
257 O O   . LYS A 30 ? 0.3225 0.2197 0.2479 -0.0358 0.0180  0.0527  129  LYS A O   
258 C CB  . LYS A 30 ? 0.2915 0.2450 0.2387 -0.0270 0.0054  0.0412  129  LYS A CB  
259 C CG  . LYS A 30 ? 0.3385 0.2714 0.2558 -0.0268 0.0083  0.0473  129  LYS A CG  
260 C CD  . LYS A 30 ? 0.3928 0.3422 0.2760 -0.0336 -0.0007 0.0397  129  LYS A CD  
261 C CE  . LYS A 30 ? 0.4084 0.4026 0.3650 -0.0037 -0.0175 0.0342  129  LYS A CE  
262 N NZ  . LYS A 30 ? 0.4652 0.4896 0.4148 -0.0180 -0.0542 0.0428  129  LYS A NZ  
263 N N   . ILE A 31 ? 0.2661 0.2196 0.2018 -0.0351 0.0200  0.0633  130  ILE A N   
264 C CA  . ILE A 31 ? 0.2381 0.2227 0.2091 -0.0396 0.0081  0.0498  130  ILE A CA  
265 C C   . ILE A 31 ? 0.2280 0.2034 0.2256 -0.0366 0.0092  0.0512  130  ILE A C   
266 O O   . ILE A 31 ? 0.2679 0.1982 0.2455 -0.0402 0.0369  0.0748  130  ILE A O   
267 C CB  . ILE A 31 ? 0.2229 0.2187 0.2020 -0.0360 0.0135  0.0602  130  ILE A CB  
268 C CG1 . ILE A 31 ? 0.2430 0.2449 0.2435 -0.0162 0.0182  0.0746  130  ILE A CG1 
269 C CG2 . ILE A 31 ? 0.2331 0.2411 0.2109 -0.0160 0.0048  0.0741  130  ILE A CG2 
270 C CD1 . ILE A 31 ? 0.2262 0.2370 0.2568 -0.0294 -0.0031 0.0410  130  ILE A CD1 
271 N N   . LEU A 32 ? 0.2099 0.1907 0.2146 -0.0325 0.0050  0.0550  131  LEU A N   
272 C CA  . LEU A 32 ? 0.2174 0.1978 0.1872 -0.0164 0.0222  0.0562  131  LEU A CA  
273 C C   . LEU A 32 ? 0.2476 0.2058 0.2148 -0.0188 0.0268  0.0563  131  LEU A C   
274 O O   . LEU A 32 ? 0.2821 0.1929 0.2361 -0.0107 0.0377  0.0830  131  LEU A O   
275 C CB  . LEU A 32 ? 0.2206 0.2049 0.1554 -0.0275 0.0119  0.0563  131  LEU A CB  
276 C CG  . LEU A 32 ? 0.2386 0.1989 0.1706 -0.0265 0.0002  0.0647  131  LEU A CG  
277 C CD1 . LEU A 32 ? 0.2788 0.1951 0.2100 -0.0310 0.0023  0.0621  131  LEU A CD1 
278 C CD2 . LEU A 32 ? 0.2806 0.2305 0.1743 -0.0128 0.0064  0.0575  131  LEU A CD2 
279 N N   . LEU A 33 ? 0.2616 0.1961 0.2151 -0.0113 0.0375  0.0527  132  LEU A N   
280 C CA  . LEU A 33 ? 0.2866 0.2199 0.2613 -0.0219 0.0372  0.0278  132  LEU A CA  
281 C C   . LEU A 33 ? 0.2899 0.2250 0.2724 -0.0206 0.0426  0.0417  132  LEU A C   
282 O O   . LEU A 33 ? 0.3113 0.2143 0.3197 -0.0039 0.0542  0.0624  132  LEU A O   
283 C CB  . LEU A 33 ? 0.2997 0.2446 0.2720 -0.0289 0.0406  0.0419  132  LEU A CB  
284 C CG  . LEU A 33 ? 0.3531 0.3178 0.3271 -0.0207 0.0307  -0.0004 132  LEU A CG  
285 C CD1 . LEU A 33 ? 0.3775 0.3837 0.3651 0.0631  -0.0061 -0.0072 132  LEU A CD1 
286 C CD2 . LEU A 33 ? 0.4061 0.3227 0.3314 -0.0110 -0.0040 -0.0204 132  LEU A CD2 
287 N N   . ALA A 34 ? 0.2895 0.2178 0.2786 -0.0487 0.0542  0.0376  133  ALA A N   
288 C CA  . ALA A 34 ? 0.2871 0.1975 0.2835 -0.0373 0.0424  0.0087  133  ALA A CA  
289 C C   . ALA A 34 ? 0.2927 0.2149 0.3012 -0.0360 0.0514  0.0238  133  ALA A C   
290 O O   . ALA A 34 ? 0.3579 0.2167 0.3274 -0.0518 0.0904  0.0531  133  ALA A O   
291 C CB  . ALA A 34 ? 0.2754 0.2332 0.2833 -0.0579 0.0532  0.0104  133  ALA A CB  
292 N N   . GLU A 35 ? 0.2975 0.1934 0.2600 -0.0200 0.0456  0.0441  134  GLU A N   
293 C CA  . GLU A 35 ? 0.2802 0.2151 0.2458 -0.0146 0.0441  0.0356  134  GLU A CA  
294 C C   . GLU A 35 ? 0.2943 0.2144 0.2572 0.0006  0.0551  0.0651  134  GLU A C   
295 O O   . GLU A 35 ? 0.3611 0.2134 0.2839 -0.0012 0.0871  0.1059  134  GLU A O   
296 C CB  . GLU A 35 ? 0.2834 0.2094 0.2321 -0.0276 0.0479  0.0407  134  GLU A CB  
297 C CG  . GLU A 35 ? 0.3376 0.2165 0.2589 0.0170  -0.0261 0.0770  134  GLU A CG  
298 C CD  . GLU A 35 ? 0.3025 0.2921 0.3130 -0.0423 0.0397  0.0935  134  GLU A CD  
299 O OE1 . GLU A 35 ? 0.3234 0.2692 0.3587 0.0222  0.0122  0.0512  134  GLU A OE1 
300 O OE2 . GLU A 35 ? 0.2744 0.5638 0.2796 0.0878  -0.0090 -0.0352 134  GLU A OE2 
301 N N   . LEU A 36 ? 0.2851 0.2329 0.2594 0.0112  0.0492  0.0947  135  LEU A N   
302 C CA  . LEU A 36 ? 0.2997 0.2464 0.2699 0.0086  0.0349  0.0513  135  LEU A CA  
303 C C   . LEU A 36 ? 0.3425 0.2594 0.3050 0.0119  0.0365  0.0638  135  LEU A C   
304 O O   . LEU A 36 ? 0.4151 0.2560 0.3312 0.0419  0.0170  0.0818  135  LEU A O   
305 C CB  . LEU A 36 ? 0.2877 0.2638 0.2417 0.0174  0.0512  0.0772  135  LEU A CB  
306 C CG  . LEU A 36 ? 0.3075 0.2601 0.2238 0.0188  0.0193  0.0899  135  LEU A CG  
307 C CD1 . LEU A 36 ? 0.3055 0.2822 0.2563 -0.0052 0.0065  0.0666  135  LEU A CD1 
308 C CD2 . LEU A 36 ? 0.2827 0.3028 0.2390 0.0259  0.0010  0.0808  135  LEU A CD2 
309 N N   . GLU A 37 ? 0.3658 0.2496 0.3154 0.0101  0.0338  0.0456  136  GLU A N   
310 C CA  . GLU A 37 ? 0.3919 0.2882 0.3632 0.0067  0.0408  0.0252  136  GLU A CA  
311 C C   . GLU A 37 ? 0.4121 0.2931 0.3676 -0.0016 0.0493  0.0280  136  GLU A C   
312 O O   . GLU A 37 ? 0.4837 0.3071 0.4314 0.0094  0.0767  0.0204  136  GLU A O   
313 C CB  . GLU A 37 ? 0.4056 0.2857 0.3633 0.0010  0.0351  0.0213  136  GLU A CB  
314 C CG  . GLU A 37 ? 0.4244 0.3378 0.4307 0.0077  0.0434  0.0150  136  GLU A CG  
315 C CD  . GLU A 37 ? 0.5264 0.4214 0.4429 -0.0387 0.0298  0.0191  136  GLU A CD  
316 O OE1 . GLU A 37 ? 0.5780 0.4269 0.5161 -0.0528 0.0008  -0.0237 136  GLU A OE1 
317 O OE2 . GLU A 37 ? 0.6346 0.5030 0.4042 -0.0376 0.0789  0.0430  136  GLU A OE2 
318 N N   . GLN A 38 ? 0.4251 0.2952 0.3703 -0.0064 0.0542  0.0405  137  GLN A N   
319 C CA  . GLN A 38 ? 0.4162 0.3565 0.3887 -0.0159 0.0419  0.0238  137  GLN A CA  
320 C C   . GLN A 38 ? 0.4395 0.3792 0.4173 -0.0073 0.0320  0.0315  137  GLN A C   
321 O O   . GLN A 38 ? 0.4832 0.4380 0.4561 -0.0145 0.0644  0.0504  137  GLN A O   
322 C CB  . GLN A 38 ? 0.4094 0.3193 0.3814 -0.0223 0.0351  0.0315  137  GLN A CB  
323 C CG  . GLN A 38 ? 0.4343 0.3589 0.3815 -0.0120 0.0237  0.0263  137  GLN A CG  
324 C CD  . GLN A 38 ? 0.5220 0.2436 0.4040 -0.0125 0.0395  0.0152  137  GLN A CD  
325 O OE1 . GLN A 38 ? 0.5398 0.2971 0.4182 0.0227  0.0517  -0.0479 137  GLN A OE1 
326 N NE2 . GLN A 38 ? 0.5910 0.3511 0.3351 0.0757  -0.0222 0.0667  137  GLN A NE2 
327 N N   . LEU A 39 ? 0.4576 0.4260 0.4416 -0.0046 0.0215  0.0259  138  LEU A N   
328 C CA  . LEU A 39 ? 0.4732 0.4535 0.4612 -0.0008 0.0055  0.0137  138  LEU A CA  
329 C C   . LEU A 39 ? 0.5038 0.4704 0.4679 0.0007  0.0051  0.0184  138  LEU A C   
330 O O   . LEU A 39 ? 0.5418 0.4928 0.4730 0.0188  -0.0025 0.0287  138  LEU A O   
331 C CB  . LEU A 39 ? 0.4749 0.4547 0.4735 -0.0069 0.0023  0.0153  138  LEU A CB  
332 C CG  . LEU A 39 ? 0.4768 0.4630 0.4711 -0.0073 0.0011  0.0066  138  LEU A CG  
333 C CD1 . LEU A 39 ? 0.4603 0.4481 0.4666 0.0014  0.0074  -0.0103 138  LEU A CD1 
334 C CD2 . LEU A 39 ? 0.4811 0.4370 0.4609 0.0065  -0.0005 0.0156  138  LEU A CD2 
335 O OXT . LEU A 39 ? 0.5134 0.4584 0.4920 -0.0030 0.0002  0.0188  138  LEU A OXT 
336 S S   . SO4 B .  ? 0.5140 0.2456 0.2978 -0.0074 -0.0030 0.0453  1139 SO4 A S   
337 O O1  . SO4 B .  ? 0.5458 0.2978 0.3246 -0.0111 0.0094  0.0650  1139 SO4 A O1  
338 O O2  . SO4 B .  ? 0.5172 0.2602 0.3133 -0.0220 0.0285  0.0413  1139 SO4 A O2  
339 O O3  . SO4 B .  ? 0.5104 0.2281 0.3002 -0.0031 -0.0003 0.0467  1139 SO4 A O3  
340 O O4  . SO4 B .  ? 0.5210 0.3049 0.3182 -0.0084 -0.0208 0.0490  1139 SO4 A O4  
341 O O   . HOH C .  ? 0.9000 0.8738 0.9382 -0.0339 -0.0060 -0.0582 2001 HOH A O   
342 O O   . HOH C .  ? 0.6811 0.5225 0.6210 0.0193  -0.0332 0.2554  2002 HOH A O   
343 O O   . HOH C .  ? 0.6504 0.5313 0.4645 0.1063  0.0855  0.0516  2003 HOH A O   
344 O O   . HOH C .  ? 0.5924 0.5517 0.3065 -0.0093 0.0373  0.1149  2004 HOH A O   
345 O O   . HOH C .  ? 0.7238 0.6899 0.5540 0.1395  -0.1427 0.1475  2005 HOH A O   
346 O O   . HOH C .  ? 0.6122 0.7669 0.7209 -0.0233 0.0044  0.0302  2006 HOH A O   
347 O O   . HOH C .  ? 0.4620 0.6603 0.6061 0.0955  -0.0650 0.1066  2007 HOH A O   
348 O O   . HOH C .  ? 0.5489 0.7550 0.6476 0.1544  -0.0617 0.1041  2008 HOH A O   
349 O O   . HOH C .  ? 0.5726 0.4823 0.4173 0.0469  0.0433  -0.0265 2009 HOH A O   
350 O O   . HOH C .  ? 0.4175 0.3676 0.2392 0.0351  0.0057  0.0652  2010 HOH A O   
351 O O   . HOH C .  ? 0.5150 0.3948 0.2990 0.0581  0.1392  0.0415  2011 HOH A O   
352 O O   . HOH C .  ? 0.5780 0.5616 0.7113 0.1386  0.1044  0.0296  2012 HOH A O   
353 O O   . HOH C .  ? 0.5296 0.5303 0.6698 -0.0952 0.0685  0.1213  2013 HOH A O   
354 O O   . HOH C .  ? 0.3302 0.4833 0.4084 -0.0198 0.0169  0.1369  2014 HOH A O   
355 O O   . HOH C .  ? 0.5644 0.5576 0.4951 -0.0489 -0.0660 0.1866  2015 HOH A O   
356 O O   . HOH C .  ? 0.6348 0.6834 0.7717 0.1549  -0.1042 -0.1731 2016 HOH A O   
357 O O   . HOH C .  ? 0.4009 0.4128 0.2620 -0.0864 0.0028  0.0713  2017 HOH A O   
358 O O   . HOH C .  ? 0.4229 0.4333 0.3538 -0.0991 0.0250  0.0423  2018 HOH A O   
359 O O   . HOH C .  ? 0.4220 0.2288 0.2423 -0.0715 0.0872  0.0331  2019 HOH A O   
360 O O   . HOH C .  ? 0.5830 0.5149 0.2746 0.0227  -0.0008 0.1080  2020 HOH A O   
361 O O   . HOH C .  ? 0.7404 0.4576 0.3871 -0.0632 -0.0467 0.0645  2021 HOH A O   
362 O O   . HOH C .  ? 0.4640 0.2800 0.3656 -0.0871 0.0212  0.0209  2022 HOH A O   
363 O O   . HOH C .  ? 0.5763 0.8673 0.3977 -0.1273 0.0911  -0.0694 2023 HOH A O   
364 O O   . HOH C .  ? 0.3398 0.3076 0.3693 -0.0063 -0.0018 0.0423  2024 HOH A O   
365 O O   . HOH C .  ? 0.7930 0.3172 0.4765 -0.0681 0.1232  0.0372  2025 HOH A O   
366 O O   A HOH C .  ? 0.2921 0.2772 0.3081 0.0192  -0.0353 0.0484  2026 HOH A O   
367 O O   . HOH C .  ? 0.5627 0.6190 0.7094 0.0673  -0.0318 -0.1070 2027 HOH A O   
368 O O   . HOH C .  ? 0.4283 0.6416 0.5247 -0.0966 -0.0375 0.3000  2028 HOH A O   
369 O O   . HOH C .  ? 0.5569 0.7607 0.6430 0.0009  -0.0654 -0.0006 2029 HOH A O   
370 O O   . HOH C .  ? 0.4164 0.6603 0.5289 0.0477  -0.0635 0.1032  2030 HOH A O   
371 O O   . HOH C .  ? 0.6470 0.5771 0.5441 -0.0526 -0.1007 -0.0150 2031 HOH A O   
372 O O   . HOH C .  ? 0.8142 0.4012 0.7111 0.0444  0.0863  0.1617  2032 HOH A O   
373 O O   . HOH C .  ? 0.7344 0.8176 0.4984 0.1168  0.0221  -0.0566 2033 HOH A O   
374 O O   . HOH C .  ? 0.4245 0.5503 0.7839 -0.0567 -0.0577 -0.0429 2034 HOH A O   
375 O O   . HOH C .  ? 0.7974 0.4068 0.4358 -0.0707 0.1080  -0.0494 2035 HOH A O   
# 
loop_
_pdbx_poly_seq_scheme.asym_id 
_pdbx_poly_seq_scheme.entity_id 
_pdbx_poly_seq_scheme.seq_id 
_pdbx_poly_seq_scheme.mon_id 
_pdbx_poly_seq_scheme.ndb_seq_num 
_pdbx_poly_seq_scheme.pdb_seq_num 
_pdbx_poly_seq_scheme.auth_seq_num 
_pdbx_poly_seq_scheme.pdb_mon_id 
_pdbx_poly_seq_scheme.auth_mon_id 
_pdbx_poly_seq_scheme.pdb_strand_id 
_pdbx_poly_seq_scheme.pdb_ins_code 
_pdbx_poly_seq_scheme.hetero 
A 1 1  GLY 1  100 100 GLY GLY A . n 
A 1 2  SER 2  101 101 SER SER A . n 
A 1 3  ASN 3  102 102 ASN ASN A . n 
A 1 4  GLU 4  103 103 GLU GLU A . n 
A 1 5  LYS 5  104 104 LYS LYS A . n 
A 1 6  VAL 6  105 105 VAL VAL A . n 
A 1 7  GLU 7  106 106 GLU GLU A . n 
A 1 8  LEU 8  107 107 LEU LEU A . n 
A 1 9  GLN 9  108 108 GLN GLN A . n 
A 1 10 GLU 10 109 109 GLU GLU A . n 
A 1 11 LEU 11 110 110 LEU LEU A . n 
A 1 12 ASN 12 111 111 ASN ASN A . n 
A 1 13 ASP 13 112 112 ASP ASP A . n 
A 1 14 ARG 14 113 113 ARG ARG A . n 
A 1 15 PHE 15 114 114 PHE PHE A . n 
A 1 16 ALA 16 115 115 ALA ALA A . n 
A 1 17 ASN 17 116 116 ASN ASN A . n 
A 1 18 TYR 18 117 117 TYR TYR A . n 
A 1 19 ILE 19 118 118 ILE ILE A . n 
A 1 20 ASP 20 119 119 ASP ASP A . n 
A 1 21 LYS 21 120 120 LYS LYS A . n 
A 1 22 VAL 22 121 121 VAL VAL A . n 
A 1 23 ARG 23 122 122 ARG ARG A . n 
A 1 24 PHE 24 123 123 PHE PHE A . n 
A 1 25 LEU 25 124 124 LEU LEU A . n 
A 1 26 GLU 26 125 125 GLU GLU A . n 
A 1 27 GLN 27 126 126 GLN GLN A . n 
A 1 28 GLN 28 127 127 GLN GLN A . n 
A 1 29 ASN 29 128 128 ASN ASN A . n 
A 1 30 LYS 30 129 129 LYS LYS A . n 
A 1 31 ILE 31 130 130 ILE ILE A . n 
A 1 32 LEU 32 131 131 LEU LEU A . n 
A 1 33 LEU 33 132 132 LEU LEU A . n 
A 1 34 ALA 34 133 133 ALA ALA A . n 
A 1 35 GLU 35 134 134 GLU GLU A . n 
A 1 36 LEU 36 135 135 LEU LEU A . n 
A 1 37 GLU 37 136 136 GLU GLU A . n 
A 1 38 GLN 38 137 137 GLN GLN A . n 
A 1 39 LEU 39 138 138 LEU LEU A . n 
# 
loop_
_pdbx_nonpoly_scheme.asym_id 
_pdbx_nonpoly_scheme.entity_id 
_pdbx_nonpoly_scheme.mon_id 
_pdbx_nonpoly_scheme.ndb_seq_num 
_pdbx_nonpoly_scheme.pdb_seq_num 
_pdbx_nonpoly_scheme.auth_seq_num 
_pdbx_nonpoly_scheme.pdb_mon_id 
_pdbx_nonpoly_scheme.auth_mon_id 
_pdbx_nonpoly_scheme.pdb_strand_id 
_pdbx_nonpoly_scheme.pdb_ins_code 
B 2 SO4 1  1139 1139 SO4 SO4 A . 
C 3 HOH 1  2001 2001 HOH HOH A . 
C 3 HOH 2  2002 2002 HOH HOH A . 
C 3 HOH 3  2003 2003 HOH HOH A . 
C 3 HOH 4  2004 2004 HOH HOH A . 
C 3 HOH 5  2005 2005 HOH HOH A . 
C 3 HOH 6  2006 2006 HOH HOH A . 
C 3 HOH 7  2007 2007 HOH HOH A . 
C 3 HOH 8  2008 2008 HOH HOH A . 
C 3 HOH 9  2009 2009 HOH HOH A . 
C 3 HOH 10 2010 2010 HOH HOH A . 
C 3 HOH 11 2011 2011 HOH HOH A . 
C 3 HOH 12 2012 2012 HOH HOH A . 
C 3 HOH 13 2013 2013 HOH HOH A . 
C 3 HOH 14 2014 2014 HOH HOH A . 
C 3 HOH 15 2015 2015 HOH HOH A . 
C 3 HOH 16 2016 2016 HOH HOH A . 
C 3 HOH 17 2017 2017 HOH HOH A . 
C 3 HOH 18 2018 2018 HOH HOH A . 
C 3 HOH 19 2019 2019 HOH HOH A . 
C 3 HOH 20 2020 2020 HOH HOH A . 
C 3 HOH 21 2021 2021 HOH HOH A . 
C 3 HOH 22 2022 2022 HOH HOH A . 
C 3 HOH 23 2023 2023 HOH HOH A . 
C 3 HOH 24 2024 2024 HOH HOH A . 
C 3 HOH 25 2025 2025 HOH HOH A . 
C 3 HOH 26 2026 2026 HOH HOH A . 
C 3 HOH 27 2027 2027 HOH HOH A . 
C 3 HOH 28 2028 2028 HOH HOH A . 
C 3 HOH 29 2029 2029 HOH HOH A . 
C 3 HOH 30 2030 2030 HOH HOH A . 
C 3 HOH 31 2031 2031 HOH HOH A . 
C 3 HOH 32 2032 2032 HOH HOH A . 
C 3 HOH 33 2033 2033 HOH HOH A . 
C 3 HOH 34 2034 2034 HOH HOH A . 
C 3 HOH 35 2035 2035 HOH HOH A . 
# 
_pdbx_struct_assembly.id                   1 
_pdbx_struct_assembly.details              author_and_software_defined_assembly 
_pdbx_struct_assembly.method_details       PQS 
_pdbx_struct_assembly.oligomeric_details   monomeric 
_pdbx_struct_assembly.oligomeric_count     1 
# 
_pdbx_struct_assembly_gen.assembly_id       1 
_pdbx_struct_assembly_gen.oper_expression   1 
_pdbx_struct_assembly_gen.asym_id_list      A,B,C 
# 
_pdbx_struct_oper_list.id                   1 
_pdbx_struct_oper_list.type                 'identity operation' 
_pdbx_struct_oper_list.name                 1_555 
_pdbx_struct_oper_list.symmetry_operation   x,y,z 
_pdbx_struct_oper_list.matrix[1][1]         1.0000000000 
_pdbx_struct_oper_list.matrix[1][2]         0.0000000000 
_pdbx_struct_oper_list.matrix[1][3]         0.0000000000 
_pdbx_struct_oper_list.vector[1]            0.0000000000 
_pdbx_struct_oper_list.matrix[2][1]         0.0000000000 
_pdbx_struct_oper_list.matrix[2][2]         1.0000000000 
_pdbx_struct_oper_list.matrix[2][3]         0.0000000000 
_pdbx_struct_oper_list.vector[2]            0.0000000000 
_pdbx_struct_oper_list.matrix[3][1]         0.0000000000 
_pdbx_struct_oper_list.matrix[3][2]         0.0000000000 
_pdbx_struct_oper_list.matrix[3][3]         1.0000000000 
_pdbx_struct_oper_list.vector[3]            0.0000000000 
# 
_pdbx_struct_special_symmetry.id              1 
_pdbx_struct_special_symmetry.PDB_model_num   1 
_pdbx_struct_special_symmetry.auth_asym_id    A 
_pdbx_struct_special_symmetry.auth_comp_id    HOH 
_pdbx_struct_special_symmetry.auth_seq_id     2026 
_pdbx_struct_special_symmetry.PDB_ins_code    ? 
_pdbx_struct_special_symmetry.label_asym_id   C 
_pdbx_struct_special_symmetry.label_comp_id   HOH 
_pdbx_struct_special_symmetry.label_seq_id    . 
# 
loop_
_pdbx_audit_revision_history.ordinal 
_pdbx_audit_revision_history.data_content_type 
_pdbx_audit_revision_history.major_revision 
_pdbx_audit_revision_history.minor_revision 
_pdbx_audit_revision_history.revision_date 
1 'Structure model' 1 0 2002-03-15 
2 'Structure model' 1 1 2011-05-08 
3 'Structure model' 1 2 2011-07-13 
4 'Structure model' 1 3 2019-07-24 
5 'Structure model' 1 4 2023-12-13 
# 
_pdbx_audit_revision_details.ordinal             1 
_pdbx_audit_revision_details.revision_ordinal    1 
_pdbx_audit_revision_details.data_content_type   'Structure model' 
_pdbx_audit_revision_details.provider            repository 
_pdbx_audit_revision_details.type                'Initial release' 
_pdbx_audit_revision_details.description         ? 
_pdbx_audit_revision_details.details             ? 
# 
loop_
_pdbx_audit_revision_group.ordinal 
_pdbx_audit_revision_group.revision_ordinal 
_pdbx_audit_revision_group.data_content_type 
_pdbx_audit_revision_group.group 
1 2 'Structure model' 'Version format compliance' 
2 3 'Structure model' 'Version format compliance' 
3 4 'Structure model' 'Data collection'           
4 4 'Structure model' 'Derived calculations'      
5 5 'Structure model' 'Data collection'           
6 5 'Structure model' 'Database references'       
7 5 'Structure model' Other                       
8 5 'Structure model' 'Refinement description'    
# 
loop_
_pdbx_audit_revision_category.ordinal 
_pdbx_audit_revision_category.revision_ordinal 
_pdbx_audit_revision_category.data_content_type 
_pdbx_audit_revision_category.category 
1 4 'Structure model' diffrn_source                 
2 4 'Structure model' pdbx_struct_special_symmetry  
3 5 'Structure model' chem_comp_atom                
4 5 'Structure model' chem_comp_bond                
5 5 'Structure model' database_2                    
6 5 'Structure model' pdbx_database_status          
7 5 'Structure model' pdbx_initial_refinement_model 
# 
loop_
_pdbx_audit_revision_item.ordinal 
_pdbx_audit_revision_item.revision_ordinal 
_pdbx_audit_revision_item.data_content_type 
_pdbx_audit_revision_item.item 
1 4 'Structure model' '_diffrn_source.pdbx_synchrotron_site' 
2 5 'Structure model' '_database_2.pdbx_DOI'                 
3 5 'Structure model' '_database_2.pdbx_database_accession'  
4 5 'Structure model' '_pdbx_database_status.status_code_sf' 
# 
loop_
_software.name 
_software.classification 
_software.version 
_software.citation_id 
_software.pdbx_ordinal 
REFMAC    refinement       5.0 ? 1 
DENZO     'data reduction' .   ? 2 
SCALEPACK 'data scaling'   .   ? 3 
CCP4      phasing          .   ? 4 
# 
_pdbx_entry_details.entry_id                 1GK7 
_pdbx_entry_details.compound_details         ? 
_pdbx_entry_details.source_details           ? 
_pdbx_entry_details.nonpolymer_details       ? 
_pdbx_entry_details.sequence_details         
;THE RESIDUE NUMBERING USED IN THE LITERATURE FOR
 VIMENTIN DIFFERS BY +1 FROM THE NUMBERING USED
 IN SWISSPROT ENTRY P08670

THE FRAGMENT CONTAINS RESIDUES 102 TO 138
AND TWO EXOGENOUS RESIDUES, GS, AT THE N-TERMINUS
;
_pdbx_entry_details.has_ligand_of_interest   ? 
# 
loop_
_pdbx_validate_close_contact.id 
_pdbx_validate_close_contact.PDB_model_num 
_pdbx_validate_close_contact.auth_atom_id_1 
_pdbx_validate_close_contact.auth_asym_id_1 
_pdbx_validate_close_contact.auth_comp_id_1 
_pdbx_validate_close_contact.auth_seq_id_1 
_pdbx_validate_close_contact.PDB_ins_code_1 
_pdbx_validate_close_contact.label_alt_id_1 
_pdbx_validate_close_contact.auth_atom_id_2 
_pdbx_validate_close_contact.auth_asym_id_2 
_pdbx_validate_close_contact.auth_comp_id_2 
_pdbx_validate_close_contact.auth_seq_id_2 
_pdbx_validate_close_contact.PDB_ins_code_2 
_pdbx_validate_close_contact.label_alt_id_2 
_pdbx_validate_close_contact.dist 
1 1 OE2 A GLU 103 ? ? OE1 A GLU 106  ? ? 1.60 
2 1 OE2 A GLU 109 ? ? NH1 A ARG 113  ? B 1.91 
3 1 CG  A GLU 134 ? ? O   A HOH 2024 ? ? 2.07 
# 
loop_
_pdbx_validate_symm_contact.id 
_pdbx_validate_symm_contact.PDB_model_num 
_pdbx_validate_symm_contact.auth_atom_id_1 
_pdbx_validate_symm_contact.auth_asym_id_1 
_pdbx_validate_symm_contact.auth_comp_id_1 
_pdbx_validate_symm_contact.auth_seq_id_1 
_pdbx_validate_symm_contact.PDB_ins_code_1 
_pdbx_validate_symm_contact.label_alt_id_1 
_pdbx_validate_symm_contact.site_symmetry_1 
_pdbx_validate_symm_contact.auth_atom_id_2 
_pdbx_validate_symm_contact.auth_asym_id_2 
_pdbx_validate_symm_contact.auth_comp_id_2 
_pdbx_validate_symm_contact.auth_seq_id_2 
_pdbx_validate_symm_contact.PDB_ins_code_2 
_pdbx_validate_symm_contact.label_alt_id_2 
_pdbx_validate_symm_contact.site_symmetry_2 
_pdbx_validate_symm_contact.dist 
1 1 OE1 A GLU 134 ? ? 1_555 OE1 A GLU 134  ? ? 4_765  1.36 
2 1 O   A ASN 102 ? ? 1_555 O4  A SO4 1139 ? ? 11_555 2.12 
# 
loop_
_pdbx_validate_rmsd_angle.id 
_pdbx_validate_rmsd_angle.PDB_model_num 
_pdbx_validate_rmsd_angle.auth_atom_id_1 
_pdbx_validate_rmsd_angle.auth_asym_id_1 
_pdbx_validate_rmsd_angle.auth_comp_id_1 
_pdbx_validate_rmsd_angle.auth_seq_id_1 
_pdbx_validate_rmsd_angle.PDB_ins_code_1 
_pdbx_validate_rmsd_angle.label_alt_id_1 
_pdbx_validate_rmsd_angle.auth_atom_id_2 
_pdbx_validate_rmsd_angle.auth_asym_id_2 
_pdbx_validate_rmsd_angle.auth_comp_id_2 
_pdbx_validate_rmsd_angle.auth_seq_id_2 
_pdbx_validate_rmsd_angle.PDB_ins_code_2 
_pdbx_validate_rmsd_angle.label_alt_id_2 
_pdbx_validate_rmsd_angle.auth_atom_id_3 
_pdbx_validate_rmsd_angle.auth_asym_id_3 
_pdbx_validate_rmsd_angle.auth_comp_id_3 
_pdbx_validate_rmsd_angle.auth_seq_id_3 
_pdbx_validate_rmsd_angle.PDB_ins_code_3 
_pdbx_validate_rmsd_angle.label_alt_id_3 
_pdbx_validate_rmsd_angle.angle_value 
_pdbx_validate_rmsd_angle.angle_target_value 
_pdbx_validate_rmsd_angle.angle_deviation 
_pdbx_validate_rmsd_angle.angle_standard_deviation 
_pdbx_validate_rmsd_angle.linker_flag 
1 1 OE1 A GLU 134 ? ? CD A GLU 134 ? ? OE2 A GLU 134 ? ? 135.39 123.30 12.09  1.20 N 
2 1 CG  A GLU 134 ? ? CD A GLU 134 ? ? OE2 A GLU 134 ? ? 105.98 118.30 -12.32 2.00 N 
# 
loop_
_chem_comp_atom.comp_id 
_chem_comp_atom.atom_id 
_chem_comp_atom.type_symbol 
_chem_comp_atom.pdbx_aromatic_flag 
_chem_comp_atom.pdbx_stereo_config 
_chem_comp_atom.pdbx_ordinal 
ALA N    N N N 1   
ALA CA   C N S 2   
ALA C    C N N 3   
ALA O    O N N 4   
ALA CB   C N N 5   
ALA OXT  O N N 6   
ALA H    H N N 7   
ALA H2   H N N 8   
ALA HA   H N N 9   
ALA HB1  H N N 10  
ALA HB2  H N N 11  
ALA HB3  H N N 12  
ALA HXT  H N N 13  
ARG N    N N N 14  
ARG CA   C N S 15  
ARG C    C N N 16  
ARG O    O N N 17  
ARG CB   C N N 18  
ARG CG   C N N 19  
ARG CD   C N N 20  
ARG NE   N N N 21  
ARG CZ   C N N 22  
ARG NH1  N N N 23  
ARG NH2  N N N 24  
ARG OXT  O N N 25  
ARG H    H N N 26  
ARG H2   H N N 27  
ARG HA   H N N 28  
ARG HB2  H N N 29  
ARG HB3  H N N 30  
ARG HG2  H N N 31  
ARG HG3  H N N 32  
ARG HD2  H N N 33  
ARG HD3  H N N 34  
ARG HE   H N N 35  
ARG HH11 H N N 36  
ARG HH12 H N N 37  
ARG HH21 H N N 38  
ARG HH22 H N N 39  
ARG HXT  H N N 40  
ASN N    N N N 41  
ASN CA   C N S 42  
ASN C    C N N 43  
ASN O    O N N 44  
ASN CB   C N N 45  
ASN CG   C N N 46  
ASN OD1  O N N 47  
ASN ND2  N N N 48  
ASN OXT  O N N 49  
ASN H    H N N 50  
ASN H2   H N N 51  
ASN HA   H N N 52  
ASN HB2  H N N 53  
ASN HB3  H N N 54  
ASN HD21 H N N 55  
ASN HD22 H N N 56  
ASN HXT  H N N 57  
ASP N    N N N 58  
ASP CA   C N S 59  
ASP C    C N N 60  
ASP O    O N N 61  
ASP CB   C N N 62  
ASP CG   C N N 63  
ASP OD1  O N N 64  
ASP OD2  O N N 65  
ASP OXT  O N N 66  
ASP H    H N N 67  
ASP H2   H N N 68  
ASP HA   H N N 69  
ASP HB2  H N N 70  
ASP HB3  H N N 71  
ASP HD2  H N N 72  
ASP HXT  H N N 73  
GLN N    N N N 74  
GLN CA   C N S 75  
GLN C    C N N 76  
GLN O    O N N 77  
GLN CB   C N N 78  
GLN CG   C N N 79  
GLN CD   C N N 80  
GLN OE1  O N N 81  
GLN NE2  N N N 82  
GLN OXT  O N N 83  
GLN H    H N N 84  
GLN H2   H N N 85  
GLN HA   H N N 86  
GLN HB2  H N N 87  
GLN HB3  H N N 88  
GLN HG2  H N N 89  
GLN HG3  H N N 90  
GLN HE21 H N N 91  
GLN HE22 H N N 92  
GLN HXT  H N N 93  
GLU N    N N N 94  
GLU CA   C N S 95  
GLU C    C N N 96  
GLU O    O N N 97  
GLU CB   C N N 98  
GLU CG   C N N 99  
GLU CD   C N N 100 
GLU OE1  O N N 101 
GLU OE2  O N N 102 
GLU OXT  O N N 103 
GLU H    H N N 104 
GLU H2   H N N 105 
GLU HA   H N N 106 
GLU HB2  H N N 107 
GLU HB3  H N N 108 
GLU HG2  H N N 109 
GLU HG3  H N N 110 
GLU HE2  H N N 111 
GLU HXT  H N N 112 
GLY N    N N N 113 
GLY CA   C N N 114 
GLY C    C N N 115 
GLY O    O N N 116 
GLY OXT  O N N 117 
GLY H    H N N 118 
GLY H2   H N N 119 
GLY HA2  H N N 120 
GLY HA3  H N N 121 
GLY HXT  H N N 122 
HOH O    O N N 123 
HOH H1   H N N 124 
HOH H2   H N N 125 
ILE N    N N N 126 
ILE CA   C N S 127 
ILE C    C N N 128 
ILE O    O N N 129 
ILE CB   C N S 130 
ILE CG1  C N N 131 
ILE CG2  C N N 132 
ILE CD1  C N N 133 
ILE OXT  O N N 134 
ILE H    H N N 135 
ILE H2   H N N 136 
ILE HA   H N N 137 
ILE HB   H N N 138 
ILE HG12 H N N 139 
ILE HG13 H N N 140 
ILE HG21 H N N 141 
ILE HG22 H N N 142 
ILE HG23 H N N 143 
ILE HD11 H N N 144 
ILE HD12 H N N 145 
ILE HD13 H N N 146 
ILE HXT  H N N 147 
LEU N    N N N 148 
LEU CA   C N S 149 
LEU C    C N N 150 
LEU O    O N N 151 
LEU CB   C N N 152 
LEU CG   C N N 153 
LEU CD1  C N N 154 
LEU CD2  C N N 155 
LEU OXT  O N N 156 
LEU H    H N N 157 
LEU H2   H N N 158 
LEU HA   H N N 159 
LEU HB2  H N N 160 
LEU HB3  H N N 161 
LEU HG   H N N 162 
LEU HD11 H N N 163 
LEU HD12 H N N 164 
LEU HD13 H N N 165 
LEU HD21 H N N 166 
LEU HD22 H N N 167 
LEU HD23 H N N 168 
LEU HXT  H N N 169 
LYS N    N N N 170 
LYS CA   C N S 171 
LYS C    C N N 172 
LYS O    O N N 173 
LYS CB   C N N 174 
LYS CG   C N N 175 
LYS CD   C N N 176 
LYS CE   C N N 177 
LYS NZ   N N N 178 
LYS OXT  O N N 179 
LYS H    H N N 180 
LYS H2   H N N 181 
LYS HA   H N N 182 
LYS HB2  H N N 183 
LYS HB3  H N N 184 
LYS HG2  H N N 185 
LYS HG3  H N N 186 
LYS HD2  H N N 187 
LYS HD3  H N N 188 
LYS HE2  H N N 189 
LYS HE3  H N N 190 
LYS HZ1  H N N 191 
LYS HZ2  H N N 192 
LYS HZ3  H N N 193 
LYS HXT  H N N 194 
PHE N    N N N 195 
PHE CA   C N S 196 
PHE C    C N N 197 
PHE O    O N N 198 
PHE CB   C N N 199 
PHE CG   C Y N 200 
PHE CD1  C Y N 201 
PHE CD2  C Y N 202 
PHE CE1  C Y N 203 
PHE CE2  C Y N 204 
PHE CZ   C Y N 205 
PHE OXT  O N N 206 
PHE H    H N N 207 
PHE H2   H N N 208 
PHE HA   H N N 209 
PHE HB2  H N N 210 
PHE HB3  H N N 211 
PHE HD1  H N N 212 
PHE HD2  H N N 213 
PHE HE1  H N N 214 
PHE HE2  H N N 215 
PHE HZ   H N N 216 
PHE HXT  H N N 217 
SER N    N N N 218 
SER CA   C N S 219 
SER C    C N N 220 
SER O    O N N 221 
SER CB   C N N 222 
SER OG   O N N 223 
SER OXT  O N N 224 
SER H    H N N 225 
SER H2   H N N 226 
SER HA   H N N 227 
SER HB2  H N N 228 
SER HB3  H N N 229 
SER HG   H N N 230 
SER HXT  H N N 231 
SO4 S    S N N 232 
SO4 O1   O N N 233 
SO4 O2   O N N 234 
SO4 O3   O N N 235 
SO4 O4   O N N 236 
TYR N    N N N 237 
TYR CA   C N S 238 
TYR C    C N N 239 
TYR O    O N N 240 
TYR CB   C N N 241 
TYR CG   C Y N 242 
TYR CD1  C Y N 243 
TYR CD2  C Y N 244 
TYR CE1  C Y N 245 
TYR CE2  C Y N 246 
TYR CZ   C Y N 247 
TYR OH   O N N 248 
TYR OXT  O N N 249 
TYR H    H N N 250 
TYR H2   H N N 251 
TYR HA   H N N 252 
TYR HB2  H N N 253 
TYR HB3  H N N 254 
TYR HD1  H N N 255 
TYR HD2  H N N 256 
TYR HE1  H N N 257 
TYR HE2  H N N 258 
TYR HH   H N N 259 
TYR HXT  H N N 260 
VAL N    N N N 261 
VAL CA   C N S 262 
VAL C    C N N 263 
VAL O    O N N 264 
VAL CB   C N N 265 
VAL CG1  C N N 266 
VAL CG2  C N N 267 
VAL OXT  O N N 268 
VAL H    H N N 269 
VAL H2   H N N 270 
VAL HA   H N N 271 
VAL HB   H N N 272 
VAL HG11 H N N 273 
VAL HG12 H N N 274 
VAL HG13 H N N 275 
VAL HG21 H N N 276 
VAL HG22 H N N 277 
VAL HG23 H N N 278 
VAL HXT  H N N 279 
# 
loop_
_chem_comp_bond.comp_id 
_chem_comp_bond.atom_id_1 
_chem_comp_bond.atom_id_2 
_chem_comp_bond.value_order 
_chem_comp_bond.pdbx_aromatic_flag 
_chem_comp_bond.pdbx_stereo_config 
_chem_comp_bond.pdbx_ordinal 
ALA N   CA   sing N N 1   
ALA N   H    sing N N 2   
ALA N   H2   sing N N 3   
ALA CA  C    sing N N 4   
ALA CA  CB   sing N N 5   
ALA CA  HA   sing N N 6   
ALA C   O    doub N N 7   
ALA C   OXT  sing N N 8   
ALA CB  HB1  sing N N 9   
ALA CB  HB2  sing N N 10  
ALA CB  HB3  sing N N 11  
ALA OXT HXT  sing N N 12  
ARG N   CA   sing N N 13  
ARG N   H    sing N N 14  
ARG N   H2   sing N N 15  
ARG CA  C    sing N N 16  
ARG CA  CB   sing N N 17  
ARG CA  HA   sing N N 18  
ARG C   O    doub N N 19  
ARG C   OXT  sing N N 20  
ARG CB  CG   sing N N 21  
ARG CB  HB2  sing N N 22  
ARG CB  HB3  sing N N 23  
ARG CG  CD   sing N N 24  
ARG CG  HG2  sing N N 25  
ARG CG  HG3  sing N N 26  
ARG CD  NE   sing N N 27  
ARG CD  HD2  sing N N 28  
ARG CD  HD3  sing N N 29  
ARG NE  CZ   sing N N 30  
ARG NE  HE   sing N N 31  
ARG CZ  NH1  sing N N 32  
ARG CZ  NH2  doub N N 33  
ARG NH1 HH11 sing N N 34  
ARG NH1 HH12 sing N N 35  
ARG NH2 HH21 sing N N 36  
ARG NH2 HH22 sing N N 37  
ARG OXT HXT  sing N N 38  
ASN N   CA   sing N N 39  
ASN N   H    sing N N 40  
ASN N   H2   sing N N 41  
ASN CA  C    sing N N 42  
ASN CA  CB   sing N N 43  
ASN CA  HA   sing N N 44  
ASN C   O    doub N N 45  
ASN C   OXT  sing N N 46  
ASN CB  CG   sing N N 47  
ASN CB  HB2  sing N N 48  
ASN CB  HB3  sing N N 49  
ASN CG  OD1  doub N N 50  
ASN CG  ND2  sing N N 51  
ASN ND2 HD21 sing N N 52  
ASN ND2 HD22 sing N N 53  
ASN OXT HXT  sing N N 54  
ASP N   CA   sing N N 55  
ASP N   H    sing N N 56  
ASP N   H2   sing N N 57  
ASP CA  C    sing N N 58  
ASP CA  CB   sing N N 59  
ASP CA  HA   sing N N 60  
ASP C   O    doub N N 61  
ASP C   OXT  sing N N 62  
ASP CB  CG   sing N N 63  
ASP CB  HB2  sing N N 64  
ASP CB  HB3  sing N N 65  
ASP CG  OD1  doub N N 66  
ASP CG  OD2  sing N N 67  
ASP OD2 HD2  sing N N 68  
ASP OXT HXT  sing N N 69  
GLN N   CA   sing N N 70  
GLN N   H    sing N N 71  
GLN N   H2   sing N N 72  
GLN CA  C    sing N N 73  
GLN CA  CB   sing N N 74  
GLN CA  HA   sing N N 75  
GLN C   O    doub N N 76  
GLN C   OXT  sing N N 77  
GLN CB  CG   sing N N 78  
GLN CB  HB2  sing N N 79  
GLN CB  HB3  sing N N 80  
GLN CG  CD   sing N N 81  
GLN CG  HG2  sing N N 82  
GLN CG  HG3  sing N N 83  
GLN CD  OE1  doub N N 84  
GLN CD  NE2  sing N N 85  
GLN NE2 HE21 sing N N 86  
GLN NE2 HE22 sing N N 87  
GLN OXT HXT  sing N N 88  
GLU N   CA   sing N N 89  
GLU N   H    sing N N 90  
GLU N   H2   sing N N 91  
GLU CA  C    sing N N 92  
GLU CA  CB   sing N N 93  
GLU CA  HA   sing N N 94  
GLU C   O    doub N N 95  
GLU C   OXT  sing N N 96  
GLU CB  CG   sing N N 97  
GLU CB  HB2  sing N N 98  
GLU CB  HB3  sing N N 99  
GLU CG  CD   sing N N 100 
GLU CG  HG2  sing N N 101 
GLU CG  HG3  sing N N 102 
GLU CD  OE1  doub N N 103 
GLU CD  OE2  sing N N 104 
GLU OE2 HE2  sing N N 105 
GLU OXT HXT  sing N N 106 
GLY N   CA   sing N N 107 
GLY N   H    sing N N 108 
GLY N   H2   sing N N 109 
GLY CA  C    sing N N 110 
GLY CA  HA2  sing N N 111 
GLY CA  HA3  sing N N 112 
GLY C   O    doub N N 113 
GLY C   OXT  sing N N 114 
GLY OXT HXT  sing N N 115 
HOH O   H1   sing N N 116 
HOH O   H2   sing N N 117 
ILE N   CA   sing N N 118 
ILE N   H    sing N N 119 
ILE N   H2   sing N N 120 
ILE CA  C    sing N N 121 
ILE CA  CB   sing N N 122 
ILE CA  HA   sing N N 123 
ILE C   O    doub N N 124 
ILE C   OXT  sing N N 125 
ILE CB  CG1  sing N N 126 
ILE CB  CG2  sing N N 127 
ILE CB  HB   sing N N 128 
ILE CG1 CD1  sing N N 129 
ILE CG1 HG12 sing N N 130 
ILE CG1 HG13 sing N N 131 
ILE CG2 HG21 sing N N 132 
ILE CG2 HG22 sing N N 133 
ILE CG2 HG23 sing N N 134 
ILE CD1 HD11 sing N N 135 
ILE CD1 HD12 sing N N 136 
ILE CD1 HD13 sing N N 137 
ILE OXT HXT  sing N N 138 
LEU N   CA   sing N N 139 
LEU N   H    sing N N 140 
LEU N   H2   sing N N 141 
LEU CA  C    sing N N 142 
LEU CA  CB   sing N N 143 
LEU CA  HA   sing N N 144 
LEU C   O    doub N N 145 
LEU C   OXT  sing N N 146 
LEU CB  CG   sing N N 147 
LEU CB  HB2  sing N N 148 
LEU CB  HB3  sing N N 149 
LEU CG  CD1  sing N N 150 
LEU CG  CD2  sing N N 151 
LEU CG  HG   sing N N 152 
LEU CD1 HD11 sing N N 153 
LEU CD1 HD12 sing N N 154 
LEU CD1 HD13 sing N N 155 
LEU CD2 HD21 sing N N 156 
LEU CD2 HD22 sing N N 157 
LEU CD2 HD23 sing N N 158 
LEU OXT HXT  sing N N 159 
LYS N   CA   sing N N 160 
LYS N   H    sing N N 161 
LYS N   H2   sing N N 162 
LYS CA  C    sing N N 163 
LYS CA  CB   sing N N 164 
LYS CA  HA   sing N N 165 
LYS C   O    doub N N 166 
LYS C   OXT  sing N N 167 
LYS CB  CG   sing N N 168 
LYS CB  HB2  sing N N 169 
LYS CB  HB3  sing N N 170 
LYS CG  CD   sing N N 171 
LYS CG  HG2  sing N N 172 
LYS CG  HG3  sing N N 173 
LYS CD  CE   sing N N 174 
LYS CD  HD2  sing N N 175 
LYS CD  HD3  sing N N 176 
LYS CE  NZ   sing N N 177 
LYS CE  HE2  sing N N 178 
LYS CE  HE3  sing N N 179 
LYS NZ  HZ1  sing N N 180 
LYS NZ  HZ2  sing N N 181 
LYS NZ  HZ3  sing N N 182 
LYS OXT HXT  sing N N 183 
PHE N   CA   sing N N 184 
PHE N   H    sing N N 185 
PHE N   H2   sing N N 186 
PHE CA  C    sing N N 187 
PHE CA  CB   sing N N 188 
PHE CA  HA   sing N N 189 
PHE C   O    doub N N 190 
PHE C   OXT  sing N N 191 
PHE CB  CG   sing N N 192 
PHE CB  HB2  sing N N 193 
PHE CB  HB3  sing N N 194 
PHE CG  CD1  doub Y N 195 
PHE CG  CD2  sing Y N 196 
PHE CD1 CE1  sing Y N 197 
PHE CD1 HD1  sing N N 198 
PHE CD2 CE2  doub Y N 199 
PHE CD2 HD2  sing N N 200 
PHE CE1 CZ   doub Y N 201 
PHE CE1 HE1  sing N N 202 
PHE CE2 CZ   sing Y N 203 
PHE CE2 HE2  sing N N 204 
PHE CZ  HZ   sing N N 205 
PHE OXT HXT  sing N N 206 
SER N   CA   sing N N 207 
SER N   H    sing N N 208 
SER N   H2   sing N N 209 
SER CA  C    sing N N 210 
SER CA  CB   sing N N 211 
SER CA  HA   sing N N 212 
SER C   O    doub N N 213 
SER C   OXT  sing N N 214 
SER CB  OG   sing N N 215 
SER CB  HB2  sing N N 216 
SER CB  HB3  sing N N 217 
SER OG  HG   sing N N 218 
SER OXT HXT  sing N N 219 
SO4 S   O1   doub N N 220 
SO4 S   O2   doub N N 221 
SO4 S   O3   sing N N 222 
SO4 S   O4   sing N N 223 
TYR N   CA   sing N N 224 
TYR N   H    sing N N 225 
TYR N   H2   sing N N 226 
TYR CA  C    sing N N 227 
TYR CA  CB   sing N N 228 
TYR CA  HA   sing N N 229 
TYR C   O    doub N N 230 
TYR C   OXT  sing N N 231 
TYR CB  CG   sing N N 232 
TYR CB  HB2  sing N N 233 
TYR CB  HB3  sing N N 234 
TYR CG  CD1  doub Y N 235 
TYR CG  CD2  sing Y N 236 
TYR CD1 CE1  sing Y N 237 
TYR CD1 HD1  sing N N 238 
TYR CD2 CE2  doub Y N 239 
TYR CD2 HD2  sing N N 240 
TYR CE1 CZ   doub Y N 241 
TYR CE1 HE1  sing N N 242 
TYR CE2 CZ   sing Y N 243 
TYR CE2 HE2  sing N N 244 
TYR CZ  OH   sing N N 245 
TYR OH  HH   sing N N 246 
TYR OXT HXT  sing N N 247 
VAL N   CA   sing N N 248 
VAL N   H    sing N N 249 
VAL N   H2   sing N N 250 
VAL CA  C    sing N N 251 
VAL CA  CB   sing N N 252 
VAL CA  HA   sing N N 253 
VAL C   O    doub N N 254 
VAL C   OXT  sing N N 255 
VAL CB  CG1  sing N N 256 
VAL CB  CG2  sing N N 257 
VAL CB  HB   sing N N 258 
VAL CG1 HG11 sing N N 259 
VAL CG1 HG12 sing N N 260 
VAL CG1 HG13 sing N N 261 
VAL CG2 HG21 sing N N 262 
VAL CG2 HG22 sing N N 263 
VAL CG2 HG23 sing N N 264 
VAL OXT HXT  sing N N 265 
# 
loop_
_pdbx_entity_nonpoly.entity_id 
_pdbx_entity_nonpoly.name 
_pdbx_entity_nonpoly.comp_id 
2 'SULFATE ION' SO4 
3 water         HOH 
# 
_pdbx_initial_refinement_model.id               1 
_pdbx_initial_refinement_model.entity_id_list   ? 
_pdbx_initial_refinement_model.type             'experimental model' 
_pdbx_initial_refinement_model.source_name      PDB 
_pdbx_initial_refinement_model.accession_code   2ZTA 
_pdbx_initial_refinement_model.details          ? 
# 
